data_3V6Z
#
_entry.id   3V6Z
#
_cell.length_a   66.660
_cell.length_b   75.760
_cell.length_c   88.700
_cell.angle_alpha   96.77
_cell.angle_beta   103.81
_cell.angle_gamma   116.04
#
_symmetry.space_group_name_H-M   'P 1'
#
loop_
_entity.id
_entity.type
_entity.pdbx_description
1 polymer 'Fab e6 Heavy Chain'
2 polymer 'Fab e6 Light Chain'
3 polymer e-antigen
#
loop_
_entity_poly.entity_id
_entity_poly.type
_entity_poly.pdbx_seq_one_letter_code
_entity_poly.pdbx_strand_id
1 'polypeptide(L)'
;EVQLVESGGDLVKPGGSLKLSCAASGFTFSSYGMSWVRQTPDKRLEWVATISSGGNYIYYPDTVKGRFTISRDNAKNTLY
LQMSSLKSEDTAMYYCTREGAYSGSSSYPMDYWGQGTSVTVSSAKTTPPSVYPLAPGCGDTTGSSVTLGCLVKGYFPESV
TVTWNSGSLSSSVHTFPALLQSGLYTMSSSVTVPSSTWPSQTVTCSVAHPASSTTVDKKLEPSG
;
A,C
2 'polypeptide(L)'
;NIMMTQSPSSLAVSAGEKVTMNCKSSQSVLYSSNQKNYLAWYQQKPGQSPKLLIYWASTRESGVPDRFTGSGSGTDFTLT
ISSVQTEDLAVYYCHQYLSSYMYTFGGGTKLEIKRADAAPTVSIFPPSSEQLTSGGASVVCFLNNFYPKDINVKWKIDGS
ERQNGVLNSWTDQDSKDSTYSMSSTLTLTKDEYERHNSYTCEATHKTSTSPIVKSFNRN
;
B,D
3 'polypeptide(L)'
;SKLCLGWLWGMDIDPYKEFGATVELLSFLPSDFFPSVRDLLDTAAALYRDALESPEHASPHHTALRQAILCWGDLMTLAT
WVGTNLEDPASRDLVVSYVNTNVGLKFRQLLWFHISALTFGRETVLEYLVSFAVWIRTPPAYRPPNAPILSTLPETTVV
;
E,F
#
# COMPACT_ATOMS: atom_id res chain seq x y z
N GLU A 1 -36.90 6.23 -4.32
CA GLU A 1 -36.01 6.04 -3.18
C GLU A 1 -35.83 4.55 -2.90
N VAL A 2 -34.58 4.09 -2.91
CA VAL A 2 -34.25 2.69 -2.67
C VAL A 2 -34.56 2.23 -1.23
N GLN A 3 -35.51 1.30 -1.09
CA GLN A 3 -35.85 0.72 0.21
C GLN A 3 -35.79 -0.79 0.14
N LEU A 4 -35.11 -1.42 1.14
CA LEU A 4 -34.96 -2.87 1.31
C LEU A 4 -35.53 -3.18 2.71
N VAL A 5 -36.63 -3.97 2.79
CA VAL A 5 -37.26 -4.27 4.08
C VAL A 5 -37.25 -5.76 4.41
N GLU A 6 -36.34 -6.16 5.31
CA GLU A 6 -36.25 -7.55 5.74
C GLU A 6 -37.31 -7.87 6.79
N SER A 7 -37.74 -9.14 6.80
CA SER A 7 -38.72 -9.68 7.74
C SER A 7 -38.46 -11.18 7.90
N GLY A 8 -39.02 -11.77 8.94
CA GLY A 8 -38.89 -13.21 9.16
C GLY A 8 -38.07 -13.64 10.35
N GLY A 9 -37.20 -12.75 10.84
CA GLY A 9 -36.33 -12.99 11.99
C GLY A 9 -37.09 -13.46 13.22
N ASP A 10 -36.54 -14.46 13.94
CA ASP A 10 -37.19 -15.08 15.10
C ASP A 10 -36.22 -15.91 15.92
N LEU A 11 -36.71 -16.44 17.06
CA LEU A 11 -36.00 -17.37 17.94
C LEU A 11 -36.29 -18.74 17.33
N VAL A 12 -35.22 -19.48 17.00
CA VAL A 12 -35.31 -20.82 16.41
C VAL A 12 -34.45 -21.76 17.25
N LYS A 13 -34.93 -22.99 17.49
CA LYS A 13 -34.20 -24.02 18.22
C LYS A 13 -33.05 -24.54 17.33
N PRO A 14 -31.82 -24.83 17.86
CA PRO A 14 -30.77 -25.41 17.00
C PRO A 14 -31.27 -26.65 16.25
N GLY A 15 -30.93 -26.72 14.96
CA GLY A 15 -31.34 -27.78 14.05
C GLY A 15 -32.57 -27.38 13.25
N GLY A 16 -33.18 -26.26 13.65
CA GLY A 16 -34.39 -25.72 13.03
C GLY A 16 -34.24 -25.05 11.69
N SER A 17 -35.37 -24.50 11.20
CA SER A 17 -35.49 -23.81 9.93
C SER A 17 -36.17 -22.47 10.11
N LEU A 18 -35.88 -21.54 9.20
CA LEU A 18 -36.46 -20.20 9.18
C LEU A 18 -36.31 -19.65 7.79
N LYS A 19 -37.31 -18.88 7.34
CA LYS A 19 -37.29 -18.25 6.02
C LYS A 19 -37.38 -16.75 6.17
N LEU A 20 -36.33 -16.06 5.71
CA LEU A 20 -36.27 -14.60 5.73
C LEU A 20 -36.77 -14.06 4.39
N SER A 21 -37.40 -12.89 4.43
CA SER A 21 -37.93 -12.19 3.24
C SER A 21 -37.40 -10.78 3.23
N CYS A 22 -37.25 -10.23 2.04
CA CYS A 22 -36.81 -8.87 1.86
C CYS A 22 -37.61 -8.27 0.73
N ALA A 23 -38.42 -7.25 1.02
CA ALA A 23 -39.25 -6.54 0.06
C ALA A 23 -38.46 -5.31 -0.44
N ALA A 24 -38.17 -5.26 -1.75
CA ALA A 24 -37.38 -4.20 -2.36
C ALA A 24 -38.24 -3.24 -3.18
N SER A 25 -37.94 -1.92 -3.13
CA SER A 25 -38.68 -0.89 -3.89
C SER A 25 -37.76 0.26 -4.31
N GLY A 26 -38.17 1.05 -5.30
CA GLY A 26 -37.42 2.21 -5.75
C GLY A 26 -36.28 1.98 -6.73
N PHE A 27 -36.28 0.80 -7.39
CA PHE A 27 -35.33 0.40 -8.44
C PHE A 27 -35.94 -0.79 -9.18
N THR A 28 -35.42 -1.08 -10.40
CA THR A 28 -35.85 -2.21 -11.23
C THR A 28 -35.19 -3.45 -10.64
N PHE A 29 -35.89 -4.07 -9.70
CA PHE A 29 -35.44 -5.24 -8.97
C PHE A 29 -34.85 -6.35 -9.86
N SER A 30 -35.44 -6.58 -11.03
CA SER A 30 -34.96 -7.63 -11.91
C SER A 30 -33.63 -7.35 -12.63
N SER A 31 -33.10 -6.11 -12.49
CA SER A 31 -31.84 -5.65 -13.07
C SER A 31 -30.68 -5.79 -12.08
N TYR A 32 -30.97 -6.13 -10.80
CA TYR A 32 -29.90 -6.21 -9.80
C TYR A 32 -29.81 -7.53 -9.12
N GLY A 33 -28.58 -7.94 -8.84
CA GLY A 33 -28.24 -9.11 -8.05
C GLY A 33 -28.49 -8.69 -6.62
N MET A 34 -28.77 -9.64 -5.72
CA MET A 34 -29.06 -9.34 -4.31
C MET A 34 -28.23 -10.24 -3.45
N SER A 35 -27.85 -9.80 -2.25
CA SER A 35 -27.06 -10.65 -1.34
C SER A 35 -27.60 -10.61 0.08
N TRP A 36 -27.14 -11.55 0.91
CA TRP A 36 -27.43 -11.53 2.33
C TRP A 36 -26.10 -11.41 3.03
N VAL A 37 -26.03 -10.51 4.01
CA VAL A 37 -24.85 -10.27 4.83
C VAL A 37 -25.34 -10.28 6.28
N ARG A 38 -24.67 -11.03 7.13
CA ARG A 38 -25.06 -11.07 8.53
C ARG A 38 -24.04 -10.38 9.43
N GLN A 39 -24.52 -9.74 10.51
CA GLN A 39 -23.68 -9.11 11.50
C GLN A 39 -23.86 -9.80 12.83
N THR A 40 -22.81 -10.49 13.26
CA THR A 40 -22.72 -11.27 14.50
C THR A 40 -22.61 -10.40 15.78
N PRO A 41 -22.85 -10.94 16.99
CA PRO A 41 -22.76 -10.12 18.21
C PRO A 41 -21.42 -9.39 18.46
N ASP A 42 -20.31 -9.91 17.88
CA ASP A 42 -18.96 -9.33 17.94
C ASP A 42 -18.82 -8.14 16.98
N LYS A 43 -19.91 -7.87 16.23
CA LYS A 43 -20.08 -6.79 15.26
C LYS A 43 -19.39 -7.03 13.89
N ARG A 44 -18.85 -8.26 13.69
CA ARG A 44 -18.24 -8.70 12.44
C ARG A 44 -19.30 -8.87 11.34
N LEU A 45 -18.96 -8.44 10.11
CA LEU A 45 -19.81 -8.51 8.92
C LEU A 45 -19.41 -9.75 8.11
N GLU A 46 -20.40 -10.62 7.84
CA GLU A 46 -20.14 -11.89 7.14
C GLU A 46 -21.08 -12.12 5.96
N TRP A 47 -20.51 -12.22 4.74
CA TRP A 47 -21.29 -12.49 3.55
C TRP A 47 -21.90 -13.91 3.61
N VAL A 48 -23.24 -14.00 3.39
CA VAL A 48 -24.02 -15.25 3.50
C VAL A 48 -24.37 -15.88 2.14
N ALA A 49 -24.83 -15.07 1.17
CA ALA A 49 -25.24 -15.62 -0.13
C ALA A 49 -25.49 -14.52 -1.11
N THR A 50 -25.31 -14.81 -2.40
CA THR A 50 -25.72 -13.90 -3.48
C THR A 50 -26.47 -14.66 -4.54
N ILE A 51 -27.39 -13.95 -5.20
CA ILE A 51 -28.22 -14.40 -6.31
C ILE A 51 -28.24 -13.32 -7.39
N SER A 52 -27.92 -13.68 -8.64
CA SER A 52 -27.92 -12.73 -9.76
C SER A 52 -29.31 -12.14 -10.06
N SER A 53 -29.35 -11.03 -10.83
CA SER A 53 -30.59 -10.33 -11.22
C SER A 53 -31.73 -11.24 -11.61
N GLY A 54 -31.43 -12.25 -12.42
CA GLY A 54 -32.40 -13.20 -12.93
C GLY A 54 -32.72 -14.42 -12.09
N GLY A 55 -31.85 -14.77 -11.14
CA GLY A 55 -32.01 -15.97 -10.33
C GLY A 55 -31.24 -17.16 -10.90
N ASN A 56 -30.36 -16.90 -11.89
CA ASN A 56 -29.60 -17.93 -12.60
C ASN A 56 -28.34 -18.36 -11.90
N TYR A 57 -27.61 -17.39 -11.35
CA TYR A 57 -26.35 -17.65 -10.69
C TYR A 57 -26.47 -17.45 -9.20
N ILE A 58 -26.06 -18.47 -8.45
CA ILE A 58 -26.14 -18.50 -6.99
C ILE A 58 -24.76 -18.78 -6.43
N TYR A 59 -24.38 -18.01 -5.39
CA TYR A 59 -23.07 -18.11 -4.75
C TYR A 59 -23.24 -18.26 -3.24
N TYR A 60 -22.43 -19.15 -2.64
CA TYR A 60 -22.42 -19.37 -1.18
C TYR A 60 -21.03 -19.52 -0.60
N PRO A 61 -20.83 -19.02 0.64
CA PRO A 61 -19.57 -19.32 1.35
C PRO A 61 -19.67 -20.73 1.96
N ASP A 62 -18.50 -21.29 2.33
CA ASP A 62 -18.39 -22.61 2.94
C ASP A 62 -19.20 -22.79 4.24
N THR A 63 -19.39 -21.71 5.02
CA THR A 63 -20.11 -21.70 6.29
C THR A 63 -21.61 -21.99 6.19
N VAL A 64 -22.20 -21.73 5.02
CA VAL A 64 -23.64 -21.75 4.79
C VAL A 64 -24.13 -22.69 3.66
N LYS A 65 -23.25 -23.03 2.72
CA LYS A 65 -23.58 -23.93 1.61
C LYS A 65 -24.13 -25.26 2.14
N GLY A 66 -25.20 -25.74 1.53
CA GLY A 66 -25.86 -26.98 1.92
C GLY A 66 -26.91 -26.84 2.99
N ARG A 67 -26.94 -25.70 3.70
CA ARG A 67 -27.92 -25.42 4.75
C ARG A 67 -28.83 -24.27 4.33
N PHE A 68 -28.28 -23.23 3.67
CA PHE A 68 -29.09 -22.07 3.28
C PHE A 68 -29.33 -22.03 1.78
N THR A 69 -30.51 -21.53 1.40
CA THR A 69 -30.91 -21.41 0.00
C THR A 69 -31.40 -20.01 -0.24
N ILE A 70 -30.71 -19.30 -1.13
CA ILE A 70 -31.07 -17.96 -1.56
C ILE A 70 -31.99 -18.14 -2.78
N SER A 71 -33.03 -17.32 -2.85
CA SER A 71 -33.98 -17.32 -3.96
C SER A 71 -34.57 -15.94 -4.07
N ARG A 72 -35.25 -15.67 -5.17
CA ARG A 72 -35.91 -14.39 -5.42
C ARG A 72 -37.16 -14.63 -6.24
N ASP A 73 -38.11 -13.72 -6.17
CA ASP A 73 -39.30 -13.71 -7.00
C ASP A 73 -39.39 -12.32 -7.61
N ASN A 74 -38.86 -12.14 -8.83
CA ASN A 74 -38.85 -10.84 -9.52
C ASN A 74 -40.23 -10.26 -9.79
N ALA A 75 -41.28 -11.09 -9.67
CA ALA A 75 -42.69 -10.71 -9.85
C ALA A 75 -43.30 -10.15 -8.57
N LYS A 76 -42.74 -10.54 -7.40
CA LYS A 76 -43.19 -10.07 -6.10
C LYS A 76 -42.22 -9.05 -5.52
N ASN A 77 -41.06 -8.80 -6.20
CA ASN A 77 -39.98 -7.88 -5.78
C ASN A 77 -39.44 -8.30 -4.41
N THR A 78 -39.30 -9.61 -4.24
CA THR A 78 -38.85 -10.16 -2.97
C THR A 78 -37.63 -11.04 -3.15
N LEU A 79 -36.75 -10.99 -2.14
CA LEU A 79 -35.56 -11.81 -1.98
C LEU A 79 -35.84 -12.72 -0.79
N TYR A 80 -35.42 -14.00 -0.86
CA TYR A 80 -35.63 -14.95 0.23
C TYR A 80 -34.35 -15.61 0.69
N LEU A 81 -34.37 -16.10 1.94
CA LEU A 81 -33.29 -16.89 2.49
C LEU A 81 -33.90 -17.99 3.32
N GLN A 82 -33.84 -19.22 2.80
CA GLN A 82 -34.36 -20.37 3.51
C GLN A 82 -33.20 -20.98 4.26
N MET A 83 -33.23 -20.87 5.59
CA MET A 83 -32.19 -21.40 6.48
C MET A 83 -32.70 -22.69 7.11
N SER A 84 -31.85 -23.72 7.12
CA SER A 84 -32.16 -25.01 7.74
C SER A 84 -30.92 -25.52 8.48
N SER A 85 -31.07 -26.54 9.38
CA SER A 85 -29.98 -27.07 10.23
C SER A 85 -29.29 -25.91 10.92
N LEU A 86 -30.10 -25.00 11.49
CA LEU A 86 -29.64 -23.80 12.15
C LEU A 86 -28.80 -24.11 13.38
N LYS A 87 -27.69 -23.39 13.56
CA LYS A 87 -26.83 -23.56 14.72
C LYS A 87 -26.64 -22.22 15.43
N SER A 88 -26.20 -22.23 16.70
CA SER A 88 -26.03 -20.99 17.48
C SER A 88 -25.14 -19.96 16.82
N GLU A 89 -24.09 -20.41 16.10
CA GLU A 89 -23.19 -19.50 15.37
C GLU A 89 -23.88 -18.80 14.17
N ASP A 90 -25.15 -19.12 13.93
CA ASP A 90 -25.96 -18.47 12.90
C ASP A 90 -26.74 -17.29 13.49
N THR A 91 -26.64 -17.08 14.83
CA THR A 91 -27.29 -15.98 15.56
C THR A 91 -26.63 -14.69 15.10
N ALA A 92 -27.41 -13.79 14.50
CA ALA A 92 -26.93 -12.53 13.94
C ALA A 92 -28.07 -11.69 13.44
N MET A 93 -27.74 -10.46 13.01
CA MET A 93 -28.65 -9.53 12.35
C MET A 93 -28.45 -9.82 10.88
N TYR A 94 -29.53 -10.12 10.15
CA TYR A 94 -29.41 -10.45 8.74
C TYR A 94 -29.80 -9.31 7.87
N TYR A 95 -28.87 -8.87 7.01
CA TYR A 95 -29.13 -7.78 6.08
C TYR A 95 -29.27 -8.25 4.65
N CYS A 96 -30.21 -7.62 3.99
CA CYS A 96 -30.56 -7.77 2.59
C CYS A 96 -29.79 -6.65 1.93
N THR A 97 -29.05 -6.97 0.87
CA THR A 97 -28.25 -5.93 0.23
C THR A 97 -28.39 -5.91 -1.29
N ARG A 98 -28.31 -4.72 -1.86
CA ARG A 98 -28.39 -4.66 -3.30
C ARG A 98 -27.02 -4.51 -3.86
N GLU A 99 -26.71 -5.41 -4.78
CA GLU A 99 -25.47 -5.45 -5.51
C GLU A 99 -25.50 -4.30 -6.53
N GLY A 100 -24.43 -3.52 -6.56
CA GLY A 100 -24.32 -2.35 -7.42
C GLY A 100 -23.73 -2.58 -8.79
N ALA A 101 -22.95 -3.67 -8.98
CA ALA A 101 -22.30 -3.98 -10.27
C ALA A 101 -23.25 -3.91 -11.45
N TYR A 102 -24.53 -4.24 -11.19
CA TYR A 102 -25.64 -4.25 -12.13
C TYR A 102 -26.04 -2.86 -12.63
N SER A 103 -25.69 -1.80 -11.90
CA SER A 103 -25.98 -0.42 -12.32
C SER A 103 -25.22 -0.09 -13.60
N GLY A 104 -23.95 -0.51 -13.67
CA GLY A 104 -23.08 -0.27 -14.83
C GLY A 104 -21.76 -1.01 -14.80
N SER A 105 -20.72 -0.39 -14.21
CA SER A 105 -19.38 -0.97 -14.11
C SER A 105 -19.25 -2.02 -13.00
N SER A 106 -18.16 -2.82 -13.06
CA SER A 106 -17.84 -3.85 -12.07
C SER A 106 -17.38 -3.17 -10.78
N SER A 107 -17.01 -1.87 -10.89
CA SER A 107 -16.57 -0.95 -9.84
C SER A 107 -17.44 -0.97 -8.63
N TYR A 108 -18.74 -1.13 -8.86
CA TYR A 108 -19.74 -1.12 -7.83
C TYR A 108 -19.92 -2.40 -7.02
N PRO A 109 -19.59 -2.25 -5.73
CA PRO A 109 -19.87 -3.29 -4.71
C PRO A 109 -21.35 -3.22 -4.32
N MET A 110 -21.80 -3.95 -3.26
CA MET A 110 -23.18 -3.84 -2.77
C MET A 110 -23.38 -2.38 -2.29
N ASP A 111 -24.44 -1.70 -2.74
CA ASP A 111 -24.60 -0.30 -2.34
C ASP A 111 -25.68 -0.01 -1.29
N TYR A 112 -26.86 -0.63 -1.41
CA TYR A 112 -27.88 -0.38 -0.41
C TYR A 112 -28.05 -1.56 0.52
N TRP A 113 -28.21 -1.29 1.83
CA TRP A 113 -28.44 -2.30 2.86
C TRP A 113 -29.80 -2.03 3.47
N GLY A 114 -30.50 -3.08 3.87
CA GLY A 114 -31.79 -2.93 4.54
C GLY A 114 -31.58 -2.68 6.02
N GLN A 115 -32.64 -2.71 6.83
CA GLN A 115 -32.48 -2.49 8.28
C GLN A 115 -32.10 -3.72 9.08
N GLY A 116 -32.32 -4.89 8.51
CA GLY A 116 -32.04 -6.20 9.11
C GLY A 116 -33.18 -6.81 9.89
N THR A 117 -33.10 -8.14 10.08
CA THR A 117 -33.96 -8.94 10.95
C THR A 117 -33.04 -9.78 11.79
N SER A 118 -33.22 -9.73 13.10
CA SER A 118 -32.39 -10.53 13.99
C SER A 118 -32.93 -11.92 14.11
N VAL A 119 -32.02 -12.88 14.05
CA VAL A 119 -32.25 -14.31 14.13
C VAL A 119 -31.49 -14.78 15.35
N THR A 120 -32.18 -15.49 16.25
CA THR A 120 -31.54 -16.03 17.44
C THR A 120 -31.68 -17.53 17.38
N VAL A 121 -30.56 -18.25 17.37
CA VAL A 121 -30.59 -19.71 17.38
C VAL A 121 -30.22 -20.14 18.77
N SER A 122 -31.24 -20.59 19.53
CA SER A 122 -31.10 -21.00 20.93
C SER A 122 -32.13 -22.02 21.35
N SER A 123 -31.73 -22.83 22.34
CA SER A 123 -32.60 -23.82 23.00
C SER A 123 -33.31 -23.16 24.23
N ALA A 124 -32.71 -21.99 24.84
CA ALA A 124 -33.29 -21.19 25.96
C ALA A 124 -34.66 -20.77 25.50
N LYS A 125 -35.66 -20.92 26.40
CA LYS A 125 -37.07 -20.65 26.14
C LYS A 125 -37.34 -19.16 26.16
N THR A 126 -38.30 -18.72 25.33
CA THR A 126 -38.73 -17.34 25.22
C THR A 126 -39.45 -16.93 26.50
N THR A 127 -38.93 -15.91 27.19
CA THR A 127 -39.43 -15.40 28.47
C THR A 127 -39.78 -13.90 28.37
N PRO A 128 -40.99 -13.45 28.79
CA PRO A 128 -41.29 -12.02 28.74
C PRO A 128 -40.61 -11.27 29.87
N PRO A 129 -40.33 -9.95 29.71
CA PRO A 129 -39.66 -9.21 30.78
C PRO A 129 -40.56 -8.80 31.94
N SER A 130 -39.93 -8.49 33.07
CA SER A 130 -40.56 -7.95 34.27
C SER A 130 -40.10 -6.50 34.29
N VAL A 131 -41.04 -5.55 34.23
CA VAL A 131 -40.72 -4.13 34.22
C VAL A 131 -40.93 -3.53 35.60
N TYR A 132 -39.88 -2.91 36.15
CA TYR A 132 -39.91 -2.28 37.45
C TYR A 132 -39.64 -0.79 37.32
N PRO A 133 -40.49 0.08 37.92
CA PRO A 133 -40.24 1.53 37.82
C PRO A 133 -39.12 1.97 38.75
N LEU A 134 -38.35 2.96 38.32
CA LEU A 134 -37.26 3.51 39.10
C LEU A 134 -37.56 4.97 39.38
N ALA A 135 -38.09 5.22 40.58
CA ALA A 135 -38.44 6.56 41.02
C ALA A 135 -37.61 6.93 42.25
N PRO A 136 -37.21 8.22 42.42
CA PRO A 136 -36.41 8.60 43.59
C PRO A 136 -37.19 8.44 44.90
N ASP A 140 -34.70 12.55 48.78
CA ASP A 140 -33.85 13.67 48.42
C ASP A 140 -34.61 14.91 47.93
N THR A 141 -34.07 16.10 48.26
CA THR A 141 -34.63 17.39 47.87
C THR A 141 -34.37 17.65 46.38
N THR A 142 -35.44 17.43 45.60
CA THR A 142 -35.59 17.57 44.16
C THR A 142 -35.01 18.91 43.62
N GLY A 143 -34.08 18.79 42.67
CA GLY A 143 -33.41 19.91 42.01
C GLY A 143 -34.23 20.50 40.88
N SER A 144 -33.56 21.04 39.85
CA SER A 144 -34.24 21.63 38.69
C SER A 144 -34.83 20.54 37.76
N SER A 145 -34.17 19.37 37.77
CA SER A 145 -34.48 18.20 36.95
C SER A 145 -34.45 16.89 37.73
N VAL A 146 -35.38 15.98 37.40
CA VAL A 146 -35.45 14.67 38.03
C VAL A 146 -35.09 13.56 37.04
N THR A 147 -34.39 12.52 37.53
CA THR A 147 -34.04 11.35 36.73
C THR A 147 -34.94 10.20 37.15
N LEU A 148 -35.69 9.65 36.18
CA LEU A 148 -36.60 8.52 36.34
C LEU A 148 -36.04 7.38 35.50
N GLY A 149 -36.43 6.14 35.82
CA GLY A 149 -35.96 4.99 35.05
C GLY A 149 -36.88 3.79 35.04
N CYS A 150 -36.52 2.80 34.22
CA CYS A 150 -37.24 1.52 34.13
C CYS A 150 -36.26 0.38 34.08
N LEU A 151 -36.46 -0.61 34.93
CA LEU A 151 -35.60 -1.78 34.98
C LEU A 151 -36.38 -2.91 34.34
N VAL A 152 -35.90 -3.38 33.18
CA VAL A 152 -36.56 -4.47 32.49
C VAL A 152 -35.69 -5.70 32.61
N LYS A 153 -36.17 -6.65 33.42
CA LYS A 153 -35.46 -7.82 33.89
C LYS A 153 -36.02 -9.17 33.48
N GLY A 154 -35.12 -10.12 33.27
CA GLY A 154 -35.42 -11.53 33.00
C GLY A 154 -36.13 -11.89 31.72
N TYR A 155 -35.82 -11.20 30.62
CA TYR A 155 -36.39 -11.57 29.34
C TYR A 155 -35.37 -12.30 28.49
N PHE A 156 -35.87 -13.03 27.49
CA PHE A 156 -35.15 -13.77 26.47
C PHE A 156 -36.11 -14.02 25.30
N PRO A 157 -35.65 -13.88 24.03
CA PRO A 157 -34.32 -13.45 23.59
C PRO A 157 -34.25 -11.93 23.44
N GLU A 158 -33.14 -11.40 22.93
CA GLU A 158 -33.04 -9.97 22.66
C GLU A 158 -33.81 -9.74 21.32
N SER A 159 -34.56 -8.62 21.12
CA SER A 159 -34.56 -7.37 21.87
C SER A 159 -35.88 -6.94 22.54
N VAL A 160 -35.78 -5.78 23.17
CA VAL A 160 -36.81 -5.05 23.90
C VAL A 160 -36.69 -3.59 23.45
N THR A 161 -37.83 -2.87 23.37
CA THR A 161 -37.85 -1.44 23.07
C THR A 161 -38.57 -0.74 24.21
N VAL A 162 -37.94 0.31 24.74
CA VAL A 162 -38.49 1.11 25.83
C VAL A 162 -38.72 2.51 25.29
N THR A 163 -39.95 3.02 25.48
CA THR A 163 -40.33 4.37 25.06
C THR A 163 -40.95 5.12 26.23
N TRP A 164 -40.65 6.40 26.35
CA TRP A 164 -41.17 7.22 27.44
C TRP A 164 -42.26 8.15 26.97
N ASN A 165 -43.41 8.15 27.69
CA ASN A 165 -44.63 8.90 27.38
C ASN A 165 -45.11 8.58 25.95
N SER A 166 -44.83 7.32 25.53
CA SER A 166 -45.10 6.72 24.22
C SER A 166 -44.43 7.46 23.03
N GLY A 167 -43.20 7.96 23.26
CA GLY A 167 -42.41 8.67 22.26
C GLY A 167 -42.29 10.17 22.47
N SER A 168 -43.22 10.76 23.26
CA SER A 168 -43.28 12.21 23.57
C SER A 168 -41.98 12.66 24.25
N LEU A 169 -41.53 11.90 25.26
CA LEU A 169 -40.28 12.12 25.98
C LEU A 169 -39.19 11.31 25.24
N SER A 170 -38.49 11.97 24.30
CA SER A 170 -37.44 11.40 23.45
C SER A 170 -36.05 11.98 23.77
N SER A 171 -35.96 13.32 23.91
CA SER A 171 -34.71 14.08 24.12
C SER A 171 -33.64 13.76 25.21
N SER A 172 -34.02 13.34 26.42
CA SER A 172 -33.16 13.08 27.59
C SER A 172 -33.20 11.59 28.01
N VAL A 173 -33.40 10.69 27.02
CA VAL A 173 -33.50 9.24 27.23
C VAL A 173 -32.15 8.58 27.04
N HIS A 174 -31.82 7.63 27.92
CA HIS A 174 -30.62 6.80 27.86
C HIS A 174 -31.05 5.35 27.90
N THR A 175 -30.64 4.58 26.91
CA THR A 175 -30.98 3.16 26.80
C THR A 175 -29.73 2.37 27.10
N PHE A 176 -29.74 1.62 28.20
CA PHE A 176 -28.56 0.86 28.58
C PHE A 176 -28.58 -0.53 27.99
N PRO A 177 -27.52 -0.88 27.22
CA PRO A 177 -27.47 -2.20 26.57
C PRO A 177 -27.68 -3.37 27.55
N ALA A 178 -28.35 -4.42 27.06
CA ALA A 178 -28.67 -5.60 27.84
C ALA A 178 -27.45 -6.43 28.17
N LEU A 179 -27.47 -7.06 29.34
CA LEU A 179 -26.43 -7.96 29.84
C LEU A 179 -27.10 -9.25 30.25
N LEU A 180 -26.46 -10.38 29.94
CA LEU A 180 -26.98 -11.70 30.26
C LEU A 180 -26.62 -12.05 31.68
N GLN A 181 -27.63 -12.38 32.48
CA GLN A 181 -27.49 -12.74 33.87
C GLN A 181 -28.37 -13.94 34.18
N SER A 182 -27.73 -15.09 34.48
CA SER A 182 -28.39 -16.38 34.77
C SER A 182 -29.23 -16.86 33.58
N GLY A 183 -28.65 -16.73 32.40
CA GLY A 183 -29.25 -17.14 31.14
C GLY A 183 -30.42 -16.30 30.66
N LEU A 184 -30.56 -15.07 31.20
CA LEU A 184 -31.62 -14.14 30.81
C LEU A 184 -31.08 -12.71 30.73
N TYR A 185 -31.68 -11.89 29.86
CA TYR A 185 -31.27 -10.49 29.72
C TYR A 185 -31.91 -9.55 30.75
N THR A 186 -31.20 -8.46 31.02
CA THR A 186 -31.61 -7.39 31.89
C THR A 186 -31.09 -6.10 31.29
N MET A 187 -31.96 -5.10 31.21
CA MET A 187 -31.57 -3.79 30.71
C MET A 187 -32.29 -2.69 31.49
N SER A 188 -31.93 -1.45 31.21
CA SER A 188 -32.55 -0.31 31.85
C SER A 188 -32.57 0.89 30.92
N SER A 189 -33.45 1.84 31.24
CA SER A 189 -33.63 3.08 30.51
C SER A 189 -33.82 4.21 31.52
N SER A 190 -33.39 5.44 31.17
CA SER A 190 -33.55 6.60 32.03
C SER A 190 -34.03 7.83 31.25
N VAL A 191 -34.85 8.68 31.91
CA VAL A 191 -35.32 9.99 31.45
C VAL A 191 -34.97 11.03 32.48
N THR A 192 -34.61 12.22 31.98
CA THR A 192 -34.34 13.40 32.76
C THR A 192 -35.36 14.47 32.30
N VAL A 193 -36.33 14.75 33.17
CA VAL A 193 -37.43 15.70 32.97
C VAL A 193 -37.29 16.92 33.91
N PRO A 194 -37.86 18.12 33.58
CA PRO A 194 -37.81 19.22 34.56
C PRO A 194 -38.70 18.88 35.76
N SER A 195 -38.28 19.31 36.98
CA SER A 195 -39.01 19.05 38.23
C SER A 195 -40.45 19.60 38.24
N SER A 196 -40.73 20.59 37.37
CA SER A 196 -42.05 21.20 37.17
C SER A 196 -43.04 20.24 36.48
N THR A 197 -42.52 19.21 35.77
CA THR A 197 -43.30 18.23 35.01
C THR A 197 -43.52 16.90 35.76
N TRP A 198 -42.69 16.59 36.78
CA TRP A 198 -42.87 15.36 37.53
C TRP A 198 -42.71 15.57 39.04
N PRO A 199 -43.65 15.06 39.88
CA PRO A 199 -44.80 14.20 39.55
C PRO A 199 -46.10 14.87 39.11
N SER A 200 -46.10 16.20 38.82
CA SER A 200 -47.29 16.97 38.39
C SER A 200 -47.99 16.35 37.17
N GLN A 201 -47.21 16.01 36.13
CA GLN A 201 -47.70 15.34 34.93
C GLN A 201 -47.26 13.89 34.99
N THR A 202 -48.07 12.99 34.40
CA THR A 202 -47.84 11.55 34.40
C THR A 202 -46.73 11.11 33.43
N VAL A 203 -45.73 10.36 33.98
CA VAL A 203 -44.59 9.79 33.24
C VAL A 203 -44.69 8.27 33.26
N THR A 204 -44.80 7.66 32.07
CA THR A 204 -44.88 6.20 31.93
C THR A 204 -43.86 5.67 30.93
N CYS A 205 -43.27 4.51 31.23
CA CYS A 205 -42.38 3.84 30.30
C CYS A 205 -43.14 2.66 29.69
N SER A 206 -43.01 2.51 28.37
CA SER A 206 -43.67 1.44 27.62
C SER A 206 -42.59 0.50 27.12
N VAL A 207 -42.68 -0.76 27.54
CA VAL A 207 -41.71 -1.78 27.18
C VAL A 207 -42.38 -2.77 26.27
N ALA A 208 -41.75 -3.04 25.12
CA ALA A 208 -42.27 -4.01 24.17
C ALA A 208 -41.22 -5.07 23.90
N HIS A 209 -41.63 -6.34 24.06
CA HIS A 209 -40.81 -7.52 23.81
C HIS A 209 -41.57 -8.24 22.68
N PRO A 210 -41.18 -8.00 21.41
CA PRO A 210 -41.93 -8.59 20.28
C PRO A 210 -41.95 -10.11 20.27
N ALA A 211 -40.83 -10.75 20.72
CA ALA A 211 -40.68 -12.20 20.78
C ALA A 211 -41.76 -12.90 21.60
N SER A 212 -42.17 -12.29 22.73
CA SER A 212 -43.22 -12.86 23.58
C SER A 212 -44.54 -12.13 23.35
N SER A 213 -44.62 -11.29 22.27
CA SER A 213 -45.79 -10.48 21.90
C SER A 213 -46.32 -9.73 23.14
N THR A 214 -45.37 -9.22 23.94
CA THR A 214 -45.60 -8.54 25.20
C THR A 214 -45.40 -7.04 25.10
N THR A 215 -46.30 -6.30 25.73
CA THR A 215 -46.31 -4.85 25.88
C THR A 215 -46.73 -4.59 27.32
N VAL A 216 -45.88 -3.85 28.04
CA VAL A 216 -46.11 -3.54 29.43
C VAL A 216 -45.83 -2.06 29.67
N ASP A 217 -46.84 -1.34 30.16
CA ASP A 217 -46.77 0.10 30.43
C ASP A 217 -46.76 0.34 31.93
N LYS A 218 -45.66 0.90 32.43
CA LYS A 218 -45.49 1.16 33.86
C LYS A 218 -45.43 2.66 34.14
N LYS A 219 -46.38 3.14 34.97
CA LYS A 219 -46.48 4.53 35.38
C LYS A 219 -45.51 4.75 36.52
N LEU A 220 -44.76 5.86 36.47
CA LEU A 220 -43.80 6.20 37.50
C LEU A 220 -44.42 7.10 38.54
N GLU A 221 -44.54 6.56 39.75
CA GLU A 221 -45.17 7.24 40.87
C GLU A 221 -44.17 7.58 42.00
N PRO A 222 -44.31 8.76 42.65
CA PRO A 222 -43.38 9.12 43.73
C PRO A 222 -43.56 8.28 45.02
N SER A 223 -42.64 8.42 45.99
CA SER A 223 -42.63 7.64 47.23
C SER A 223 -42.81 8.43 48.53
N GLY A 224 -43.30 7.72 49.55
CA GLY A 224 -43.54 8.23 50.90
C GLY A 224 -44.67 7.49 51.59
N ASN B 1 -9.18 -18.01 0.98
CA ASN B 1 -9.95 -16.88 1.49
C ASN B 1 -9.09 -15.67 1.81
N ILE B 2 -9.39 -14.52 1.15
CA ILE B 2 -8.70 -13.24 1.37
C ILE B 2 -9.19 -12.70 2.68
N MET B 3 -8.37 -12.74 3.73
CA MET B 3 -8.78 -12.20 5.02
C MET B 3 -8.42 -10.71 5.08
N MET B 4 -9.40 -9.90 5.56
CA MET B 4 -9.29 -8.46 5.73
C MET B 4 -9.00 -8.15 7.19
N THR B 5 -7.95 -7.35 7.44
CA THR B 5 -7.55 -6.97 8.78
C THR B 5 -7.59 -5.45 8.95
N GLN B 6 -8.25 -4.98 10.01
CA GLN B 6 -8.38 -3.55 10.27
C GLN B 6 -7.71 -3.11 11.54
N SER B 7 -6.93 -2.02 11.44
CA SER B 7 -6.22 -1.45 12.59
C SER B 7 -6.28 0.09 12.60
N PRO B 8 -6.50 0.72 13.77
CA PRO B 8 -6.74 0.09 15.08
C PRO B 8 -8.17 -0.43 15.18
N SER B 9 -8.54 -1.16 16.24
CA SER B 9 -9.91 -1.65 16.41
C SER B 9 -10.85 -0.48 16.70
N SER B 10 -10.31 0.58 17.31
CA SER B 10 -11.02 1.81 17.67
C SER B 10 -10.04 2.96 17.85
N LEU B 11 -10.53 4.19 17.70
CA LEU B 11 -9.73 5.39 17.89
C LEU B 11 -10.58 6.59 18.19
N ALA B 12 -10.11 7.42 19.13
CA ALA B 12 -10.79 8.63 19.56
C ALA B 12 -10.10 9.82 18.95
N VAL B 13 -10.90 10.70 18.37
CA VAL B 13 -10.39 11.90 17.71
C VAL B 13 -11.25 13.09 18.12
N SER B 14 -10.69 14.31 18.12
CA SER B 14 -11.44 15.51 18.49
C SER B 14 -11.99 16.12 17.21
N ALA B 15 -13.19 16.71 17.26
CA ALA B 15 -13.78 17.32 16.06
C ALA B 15 -12.77 18.27 15.38
N GLY B 16 -12.63 18.16 14.07
CA GLY B 16 -11.70 18.98 13.30
C GLY B 16 -10.34 18.35 13.04
N GLU B 17 -9.99 17.25 13.73
CA GLU B 17 -8.72 16.54 13.48
C GLU B 17 -8.80 15.62 12.26
N LYS B 18 -7.64 15.25 11.70
CA LYS B 18 -7.49 14.32 10.60
C LYS B 18 -7.39 12.91 11.21
N VAL B 19 -8.07 11.93 10.60
CA VAL B 19 -8.08 10.53 11.03
C VAL B 19 -7.62 9.65 9.89
N THR B 20 -6.81 8.65 10.22
CA THR B 20 -6.35 7.64 9.27
C THR B 20 -6.63 6.27 9.86
N MET B 21 -7.39 5.43 9.14
CA MET B 21 -7.64 4.06 9.54
C MET B 21 -7.16 3.13 8.46
N ASN B 22 -6.52 2.02 8.86
CA ASN B 22 -5.87 1.07 7.97
C ASN B 22 -6.63 -0.23 7.75
N CYS B 23 -6.50 -0.75 6.52
CA CYS B 23 -7.04 -2.04 6.06
C CYS B 23 -5.92 -2.81 5.34
N LYS B 24 -5.78 -4.10 5.67
CA LYS B 24 -4.77 -5.00 5.11
C LYS B 24 -5.42 -6.27 4.62
N SER B 25 -5.23 -6.61 3.33
CA SER B 25 -5.78 -7.85 2.79
C SER B 25 -4.68 -8.90 2.76
N SER B 26 -5.02 -10.18 3.08
CA SER B 26 -4.07 -11.30 3.10
C SER B 26 -3.35 -11.51 1.77
N GLN B 27 -4.00 -11.12 0.67
CA GLN B 27 -3.44 -11.17 -0.69
C GLN B 27 -3.94 -9.98 -1.50
N SER B 28 -3.20 -9.63 -2.55
CA SER B 28 -3.54 -8.49 -3.41
C SER B 28 -4.95 -8.52 -3.95
N VAL B 29 -5.59 -7.34 -3.97
CA VAL B 29 -6.94 -7.14 -4.50
C VAL B 29 -6.89 -6.28 -5.77
N LEU B 30 -5.66 -6.02 -6.27
CA LEU B 30 -5.41 -5.29 -7.51
C LEU B 30 -5.60 -6.26 -8.66
N TYR B 31 -6.40 -5.85 -9.66
CA TYR B 31 -6.75 -6.70 -10.79
C TYR B 31 -5.66 -7.08 -11.80
N SER B 32 -4.74 -6.15 -12.13
CA SER B 32 -3.64 -6.30 -13.12
C SER B 32 -4.10 -6.24 -14.59
N SER B 33 -5.36 -6.59 -14.86
CA SER B 33 -6.01 -6.49 -16.17
C SER B 33 -6.66 -5.10 -16.23
N ASN B 34 -7.54 -4.79 -15.22
CA ASN B 34 -8.22 -3.51 -15.00
C ASN B 34 -7.20 -2.51 -14.46
N GLN B 35 -6.28 -3.02 -13.60
CA GLN B 35 -5.29 -2.30 -12.80
C GLN B 35 -6.06 -1.50 -11.75
N LYS B 36 -7.18 -2.10 -11.27
CA LYS B 36 -8.10 -1.55 -10.27
C LYS B 36 -8.12 -2.41 -9.04
N ASN B 37 -8.14 -1.77 -7.86
CA ASN B 37 -8.20 -2.45 -6.57
C ASN B 37 -9.66 -2.70 -6.23
N TYR B 38 -10.01 -3.95 -5.96
CA TYR B 38 -11.38 -4.34 -5.63
C TYR B 38 -11.62 -4.24 -4.13
N LEU B 39 -11.54 -3.00 -3.64
CA LEU B 39 -11.71 -2.64 -2.24
C LEU B 39 -12.78 -1.58 -2.07
N ALA B 40 -13.64 -1.77 -1.07
CA ALA B 40 -14.69 -0.83 -0.72
C ALA B 40 -14.62 -0.49 0.77
N TRP B 41 -15.16 0.67 1.13
CA TRP B 41 -15.26 1.10 2.50
C TRP B 41 -16.72 1.41 2.77
N TYR B 42 -17.24 0.89 3.88
CA TYR B 42 -18.60 1.11 4.35
C TYR B 42 -18.56 1.82 5.70
N GLN B 43 -19.55 2.68 5.95
CA GLN B 43 -19.71 3.41 7.20
C GLN B 43 -20.99 2.94 7.87
N GLN B 44 -20.91 2.55 9.14
CA GLN B 44 -22.10 2.15 9.88
C GLN B 44 -22.32 3.01 11.14
N LYS B 45 -23.22 3.99 11.03
CA LYS B 45 -23.56 4.87 12.14
C LYS B 45 -24.44 4.10 13.14
N PRO B 46 -24.40 4.40 14.46
CA PRO B 46 -25.23 3.63 15.42
C PRO B 46 -26.72 3.53 15.08
N GLY B 47 -27.26 2.32 15.21
CA GLY B 47 -28.66 1.99 14.95
C GLY B 47 -29.06 1.97 13.48
N GLN B 48 -28.07 2.05 12.58
CA GLN B 48 -28.28 2.07 11.13
C GLN B 48 -27.57 0.92 10.44
N SER B 49 -27.94 0.67 9.17
CA SER B 49 -27.30 -0.35 8.34
C SER B 49 -26.09 0.30 7.66
N PRO B 50 -25.09 -0.48 7.19
CA PRO B 50 -23.94 0.15 6.51
C PRO B 50 -24.29 0.95 5.25
N LYS B 51 -23.45 1.92 4.92
CA LYS B 51 -23.62 2.76 3.74
C LYS B 51 -22.28 2.79 3.03
N LEU B 52 -22.30 2.57 1.71
CA LEU B 52 -21.10 2.56 0.86
C LEU B 52 -20.52 3.96 0.78
N LEU B 53 -19.22 4.04 1.09
CA LEU B 53 -18.45 5.27 1.12
C LEU B 53 -17.52 5.39 -0.08
N ILE B 54 -16.67 4.36 -0.27
CA ILE B 54 -15.62 4.32 -1.29
C ILE B 54 -15.63 2.97 -1.99
N TYR B 55 -15.33 2.97 -3.30
CA TYR B 55 -15.16 1.78 -4.13
C TYR B 55 -13.92 1.96 -5.00
N TRP B 56 -13.37 0.87 -5.59
CA TRP B 56 -12.12 0.90 -6.38
C TRP B 56 -10.99 1.52 -5.54
N ALA B 57 -11.04 1.34 -4.21
CA ALA B 57 -10.12 1.84 -3.19
C ALA B 57 -10.05 3.35 -3.02
N SER B 58 -10.35 4.15 -4.08
CA SER B 58 -10.23 5.61 -4.06
C SER B 58 -11.43 6.44 -4.51
N THR B 59 -12.41 5.82 -5.19
CA THR B 59 -13.53 6.61 -5.70
C THR B 59 -14.74 6.69 -4.75
N ARG B 60 -15.11 7.94 -4.39
CA ARG B 60 -16.24 8.25 -3.51
C ARG B 60 -17.56 7.93 -4.15
N GLU B 61 -18.51 7.45 -3.35
CA GLU B 61 -19.86 7.17 -3.80
C GLU B 61 -20.60 8.52 -3.93
N SER B 62 -21.69 8.54 -4.74
CA SER B 62 -22.56 9.68 -4.94
C SER B 62 -23.16 10.07 -3.60
N GLY B 63 -22.94 11.32 -3.26
CA GLY B 63 -23.41 11.91 -2.01
C GLY B 63 -22.45 11.87 -0.85
N VAL B 64 -21.22 11.38 -1.08
CA VAL B 64 -20.19 11.26 -0.05
C VAL B 64 -19.33 12.53 0.14
N PRO B 65 -19.33 13.12 1.36
CA PRO B 65 -18.52 14.31 1.62
C PRO B 65 -17.04 14.20 1.23
N ASP B 66 -16.51 15.30 0.68
CA ASP B 66 -15.14 15.47 0.19
C ASP B 66 -14.06 15.17 1.21
N ARG B 67 -14.37 15.27 2.52
CA ARG B 67 -13.44 14.99 3.61
C ARG B 67 -12.99 13.53 3.66
N PHE B 68 -13.81 12.62 3.10
CA PHE B 68 -13.51 11.19 3.03
C PHE B 68 -12.64 10.87 1.85
N THR B 69 -11.48 10.26 2.12
CA THR B 69 -10.50 9.92 1.09
C THR B 69 -9.92 8.51 1.31
N GLY B 70 -9.96 7.71 0.26
CA GLY B 70 -9.43 6.36 0.27
C GLY B 70 -8.19 6.28 -0.56
N SER B 71 -7.19 5.57 -0.07
CA SER B 71 -5.92 5.41 -0.78
C SER B 71 -5.35 4.01 -0.55
N GLY B 72 -4.23 3.75 -1.21
CA GLY B 72 -3.53 2.48 -1.11
C GLY B 72 -3.73 1.61 -2.32
N SER B 73 -2.92 0.55 -2.43
CA SER B 73 -2.98 -0.40 -3.54
C SER B 73 -2.46 -1.76 -3.11
N GLY B 74 -2.91 -2.78 -3.81
CA GLY B 74 -2.52 -4.17 -3.60
C GLY B 74 -3.08 -4.78 -2.34
N THR B 75 -2.36 -4.59 -1.21
CA THR B 75 -2.74 -5.16 0.08
C THR B 75 -2.95 -4.13 1.17
N ASP B 76 -2.32 -2.94 1.05
CA ASP B 76 -2.41 -1.90 2.08
C ASP B 76 -3.25 -0.75 1.61
N PHE B 77 -4.30 -0.45 2.39
CA PHE B 77 -5.26 0.60 2.10
C PHE B 77 -5.55 1.39 3.34
N THR B 78 -5.97 2.65 3.14
CA THR B 78 -6.33 3.55 4.23
C THR B 78 -7.58 4.34 3.88
N LEU B 79 -8.34 4.71 4.91
CA LEU B 79 -9.46 5.60 4.81
C LEU B 79 -9.09 6.80 5.66
N THR B 80 -9.15 7.98 5.06
CA THR B 80 -8.80 9.23 5.70
C THR B 80 -9.98 10.18 5.77
N ILE B 81 -10.23 10.72 6.97
CA ILE B 81 -11.22 11.75 7.20
C ILE B 81 -10.39 12.95 7.60
N SER B 82 -10.41 13.99 6.77
CA SER B 82 -9.70 15.23 7.01
C SER B 82 -10.70 16.32 6.63
N SER B 83 -11.42 16.96 7.59
CA SER B 83 -11.35 16.91 9.06
C SER B 83 -12.63 16.30 9.68
N VAL B 84 -12.52 15.67 10.85
CA VAL B 84 -13.63 15.00 11.53
C VAL B 84 -14.79 15.89 12.00
N GLN B 85 -16.01 15.34 11.89
CA GLN B 85 -17.26 15.94 12.35
C GLN B 85 -17.86 14.95 13.33
N THR B 86 -18.65 15.41 14.30
CA THR B 86 -19.29 14.55 15.31
C THR B 86 -20.22 13.52 14.67
N GLU B 87 -20.76 13.85 13.47
CA GLU B 87 -21.65 13.04 12.63
C GLU B 87 -20.92 11.82 12.07
N ASP B 88 -19.59 11.90 11.96
CA ASP B 88 -18.73 10.85 11.44
C ASP B 88 -18.49 9.74 12.45
N LEU B 89 -19.14 9.83 13.64
CA LEU B 89 -19.09 8.80 14.68
C LEU B 89 -19.77 7.57 14.09
N ALA B 90 -18.98 6.51 13.84
CA ALA B 90 -19.43 5.27 13.23
C ALA B 90 -18.36 4.22 13.29
N VAL B 91 -18.69 2.99 12.84
CA VAL B 91 -17.77 1.88 12.66
C VAL B 91 -17.55 1.82 11.14
N TYR B 92 -16.28 1.86 10.73
CA TYR B 92 -15.87 1.84 9.34
C TYR B 92 -15.31 0.47 9.01
N TYR B 93 -15.88 -0.22 7.99
CA TYR B 93 -15.45 -1.56 7.56
C TYR B 93 -14.87 -1.52 6.16
N CYS B 94 -13.85 -2.35 5.89
CA CYS B 94 -13.34 -2.50 4.54
C CYS B 94 -13.83 -3.83 3.98
N HIS B 95 -13.97 -3.90 2.66
CA HIS B 95 -14.51 -5.06 2.00
C HIS B 95 -13.80 -5.31 0.69
N GLN B 96 -13.43 -6.58 0.44
CA GLN B 96 -12.89 -6.94 -0.85
C GLN B 96 -13.98 -7.63 -1.67
N TYR B 97 -14.11 -7.21 -2.93
CA TYR B 97 -15.10 -7.77 -3.84
C TYR B 97 -14.40 -8.26 -5.13
N LEU B 98 -13.17 -8.77 -4.98
CA LEU B 98 -12.43 -9.32 -6.11
C LEU B 98 -13.07 -10.67 -6.35
N SER B 99 -13.06 -11.53 -5.30
CA SER B 99 -13.61 -12.88 -5.27
C SER B 99 -15.07 -13.00 -5.71
N SER B 100 -16.02 -12.38 -4.97
CA SER B 100 -17.47 -12.44 -5.26
C SER B 100 -18.05 -13.85 -5.10
N TYR B 101 -17.17 -14.86 -5.03
CA TYR B 101 -17.49 -16.26 -4.80
C TYR B 101 -17.29 -16.52 -3.30
N MET B 102 -16.57 -15.60 -2.63
CA MET B 102 -16.31 -15.55 -1.19
C MET B 102 -15.89 -14.14 -0.77
N TYR B 103 -16.90 -13.23 -0.66
CA TYR B 103 -16.76 -11.84 -0.22
C TYR B 103 -16.31 -11.83 1.23
N THR B 104 -15.39 -10.92 1.57
CA THR B 104 -14.94 -10.78 2.95
C THR B 104 -14.97 -9.32 3.38
N PHE B 105 -15.11 -9.13 4.70
CA PHE B 105 -15.15 -7.84 5.37
C PHE B 105 -14.09 -7.78 6.46
N GLY B 106 -13.60 -6.59 6.73
CA GLY B 106 -12.68 -6.36 7.83
C GLY B 106 -13.48 -6.32 9.12
N GLY B 107 -12.80 -6.45 10.26
CA GLY B 107 -13.43 -6.42 11.58
C GLY B 107 -14.06 -5.09 11.98
N GLY B 108 -13.68 -4.03 11.28
CA GLY B 108 -14.16 -2.67 11.49
C GLY B 108 -13.35 -1.84 12.48
N THR B 109 -13.22 -0.53 12.21
CA THR B 109 -12.57 0.41 13.13
C THR B 109 -13.63 1.35 13.72
N LYS B 110 -13.75 1.37 15.05
CA LYS B 110 -14.74 2.19 15.75
C LYS B 110 -14.22 3.61 15.96
N LEU B 111 -14.83 4.59 15.30
CA LEU B 111 -14.41 5.97 15.46
C LEU B 111 -15.24 6.65 16.56
N GLU B 112 -14.57 7.01 17.68
CA GLU B 112 -15.18 7.70 18.80
C GLU B 112 -14.74 9.18 18.88
N ILE B 113 -15.59 10.04 19.44
CA ILE B 113 -15.32 11.47 19.53
C ILE B 113 -14.67 11.84 20.86
N LYS B 114 -13.54 12.56 20.78
CA LYS B 114 -12.81 13.09 21.94
C LYS B 114 -13.48 14.39 22.36
N ARG B 115 -13.72 14.53 23.66
CA ARG B 115 -14.35 15.72 24.21
C ARG B 115 -13.79 16.11 25.50
N ALA B 116 -14.28 17.33 25.88
CA ALA B 116 -13.92 17.91 27.13
C ALA B 116 -14.52 17.01 28.17
N ASP B 117 -13.69 16.71 29.18
CA ASP B 117 -14.04 15.86 30.30
C ASP B 117 -15.27 16.36 31.01
N ALA B 118 -16.13 15.43 31.39
CA ALA B 118 -17.38 15.76 32.03
C ALA B 118 -17.63 14.77 33.14
N ALA B 119 -18.06 15.27 34.28
CA ALA B 119 -18.33 14.47 35.46
C ALA B 119 -19.72 13.85 35.38
N PRO B 120 -19.92 12.68 35.99
CA PRO B 120 -21.25 12.07 35.92
C PRO B 120 -22.24 12.71 36.89
N THR B 121 -23.52 12.62 36.54
CA THR B 121 -24.65 13.05 37.34
C THR B 121 -25.18 11.73 37.90
N VAL B 122 -24.98 11.53 39.19
CA VAL B 122 -25.34 10.28 39.86
C VAL B 122 -26.70 10.34 40.54
N SER B 123 -27.47 9.26 40.41
CA SER B 123 -28.82 9.09 40.95
C SER B 123 -28.95 7.67 41.45
N ILE B 124 -29.47 7.51 42.68
CA ILE B 124 -29.70 6.21 43.31
C ILE B 124 -31.20 5.92 43.42
N PHE B 125 -31.59 4.64 43.23
CA PHE B 125 -32.98 4.24 43.26
C PHE B 125 -33.19 3.01 44.11
N PRO B 126 -34.05 3.11 45.15
CA PRO B 126 -34.34 1.94 45.99
C PRO B 126 -35.23 0.94 45.25
N PRO B 127 -35.30 -0.35 45.68
CA PRO B 127 -36.21 -1.30 45.01
C PRO B 127 -37.66 -0.84 45.04
N SER B 128 -38.38 -1.06 43.93
CA SER B 128 -39.79 -0.69 43.83
C SER B 128 -40.65 -1.63 44.66
N SER B 129 -41.83 -1.12 45.08
CA SER B 129 -42.83 -1.84 45.89
C SER B 129 -43.13 -3.18 45.25
N GLU B 130 -43.51 -3.17 43.95
CA GLU B 130 -43.83 -4.35 43.13
C GLU B 130 -42.68 -5.35 42.99
N GLN B 131 -41.43 -4.88 43.06
CA GLN B 131 -40.27 -5.78 42.98
C GLN B 131 -40.11 -6.55 44.27
N LEU B 132 -40.19 -5.85 45.41
CA LEU B 132 -40.08 -6.45 46.74
C LEU B 132 -41.20 -7.48 46.93
N THR B 133 -42.43 -7.14 46.43
CA THR B 133 -43.62 -7.97 46.37
C THR B 133 -43.32 -9.37 45.78
N SER B 134 -42.45 -9.44 44.74
CA SER B 134 -42.05 -10.69 44.08
C SER B 134 -40.87 -11.46 44.73
N GLY B 135 -40.22 -10.88 45.75
CA GLY B 135 -39.13 -11.53 46.46
C GLY B 135 -37.71 -11.08 46.12
N GLY B 136 -37.59 -10.12 45.21
CA GLY B 136 -36.31 -9.56 44.79
C GLY B 136 -36.15 -8.10 45.15
N ALA B 137 -34.90 -7.61 45.16
CA ALA B 137 -34.62 -6.21 45.48
C ALA B 137 -33.37 -5.71 44.74
N SER B 138 -33.62 -4.90 43.71
CA SER B 138 -32.55 -4.31 42.92
C SER B 138 -32.39 -2.83 43.21
N VAL B 139 -31.16 -2.43 43.53
CA VAL B 139 -30.83 -1.04 43.79
C VAL B 139 -30.12 -0.57 42.52
N VAL B 140 -30.55 0.56 41.96
CA VAL B 140 -29.98 1.05 40.71
C VAL B 140 -29.27 2.39 40.89
N CYS B 141 -28.15 2.55 40.19
CA CYS B 141 -27.40 3.79 40.13
C CYS B 141 -27.16 4.17 38.69
N PHE B 142 -27.60 5.36 38.31
CA PHE B 142 -27.38 5.88 36.97
C PHE B 142 -26.26 6.89 37.09
N LEU B 143 -25.26 6.78 36.24
CA LEU B 143 -24.10 7.66 36.16
C LEU B 143 -24.28 8.24 34.76
N ASN B 144 -24.90 9.42 34.66
CA ASN B 144 -25.21 9.99 33.36
C ASN B 144 -24.29 11.10 32.87
N ASN B 145 -24.12 11.14 31.55
CA ASN B 145 -23.38 12.15 30.79
C ASN B 145 -21.96 12.46 31.24
N PHE B 146 -21.11 11.43 31.23
CA PHE B 146 -19.73 11.65 31.62
C PHE B 146 -18.77 11.54 30.46
N TYR B 147 -17.49 11.86 30.69
CA TYR B 147 -16.44 11.79 29.67
C TYR B 147 -15.04 11.86 30.29
N PRO B 148 -14.12 10.91 30.01
CA PRO B 148 -14.23 9.71 29.16
C PRO B 148 -15.11 8.59 29.74
N LYS B 149 -15.13 7.44 29.06
CA LYS B 149 -15.91 6.23 29.38
C LYS B 149 -15.44 5.55 30.66
N ASP B 150 -14.15 5.69 31.01
CA ASP B 150 -13.58 5.03 32.19
C ASP B 150 -14.17 5.58 33.48
N ILE B 151 -14.85 4.70 34.21
CA ILE B 151 -15.53 5.03 35.46
C ILE B 151 -15.56 3.82 36.38
N ASN B 152 -15.52 4.06 37.69
CA ASN B 152 -15.60 3.00 38.69
C ASN B 152 -16.79 3.21 39.61
N VAL B 153 -17.51 2.13 39.92
CA VAL B 153 -18.65 2.15 40.83
C VAL B 153 -18.45 1.11 41.90
N LYS B 154 -18.48 1.55 43.17
CA LYS B 154 -18.44 0.65 44.32
C LYS B 154 -19.72 0.82 45.10
N TRP B 155 -20.30 -0.30 45.51
CA TRP B 155 -21.53 -0.34 46.27
C TRP B 155 -21.22 -0.63 47.72
N LYS B 156 -21.77 0.17 48.64
CA LYS B 156 -21.58 -0.02 50.08
C LYS B 156 -22.90 -0.23 50.80
N ILE B 157 -22.97 -1.35 51.51
CA ILE B 157 -24.14 -1.74 52.31
C ILE B 157 -23.68 -1.64 53.77
N ASP B 158 -24.17 -0.60 54.48
CA ASP B 158 -23.86 -0.31 55.89
C ASP B 158 -22.33 -0.14 56.13
N GLY B 159 -21.67 0.60 55.23
CA GLY B 159 -20.24 0.87 55.29
C GLY B 159 -19.35 -0.16 54.61
N SER B 160 -19.82 -1.41 54.48
CA SER B 160 -19.09 -2.51 53.85
C SER B 160 -19.30 -2.61 52.34
N GLU B 161 -18.20 -2.67 51.58
CA GLU B 161 -18.23 -2.82 50.12
C GLU B 161 -18.73 -4.22 49.77
N ARG B 162 -19.68 -4.29 48.83
CA ARG B 162 -20.28 -5.52 48.31
C ARG B 162 -19.75 -5.78 46.89
N GLN B 163 -19.46 -7.06 46.55
CA GLN B 163 -18.99 -7.45 45.21
C GLN B 163 -19.74 -8.65 44.60
N ASN B 164 -20.97 -8.91 45.08
CA ASN B 164 -21.83 -10.00 44.60
C ASN B 164 -23.14 -9.41 44.05
N GLY B 165 -23.49 -9.86 42.84
CA GLY B 165 -24.73 -9.49 42.15
C GLY B 165 -24.81 -8.05 41.69
N VAL B 166 -23.75 -7.59 40.99
CA VAL B 166 -23.66 -6.24 40.44
C VAL B 166 -23.39 -6.27 38.94
N LEU B 167 -24.31 -5.71 38.15
CA LEU B 167 -24.13 -5.66 36.70
C LEU B 167 -24.09 -4.23 36.18
N ASN B 168 -23.04 -3.91 35.42
CA ASN B 168 -22.82 -2.57 34.87
C ASN B 168 -22.96 -2.54 33.39
N SER B 169 -23.71 -1.56 32.88
CA SER B 169 -23.98 -1.41 31.47
C SER B 169 -23.73 0.02 31.01
N TRP B 170 -22.89 0.18 29.98
CA TRP B 170 -22.58 1.46 29.37
C TRP B 170 -23.41 1.68 28.14
N THR B 171 -23.82 2.93 27.95
CA THR B 171 -24.51 3.40 26.77
C THR B 171 -23.37 3.67 25.74
N ASP B 172 -23.70 3.81 24.45
CA ASP B 172 -22.66 4.16 23.46
C ASP B 172 -22.57 5.69 23.49
N GLN B 173 -21.53 6.28 22.90
CA GLN B 173 -21.40 7.74 22.88
C GLN B 173 -22.69 8.43 22.43
N ASP B 174 -23.04 9.57 23.06
CA ASP B 174 -24.25 10.31 22.75
C ASP B 174 -24.12 11.02 21.39
N SER B 175 -25.21 11.04 20.62
CA SER B 175 -25.24 11.65 19.29
C SER B 175 -25.18 13.15 19.41
N LYS B 176 -25.89 13.68 20.41
CA LYS B 176 -25.96 15.09 20.71
C LYS B 176 -24.69 15.62 21.41
N ASP B 177 -24.44 15.25 22.69
CA ASP B 177 -23.30 15.77 23.46
C ASP B 177 -21.98 14.97 23.48
N SER B 178 -21.89 13.84 22.75
CA SER B 178 -20.71 12.95 22.68
C SER B 178 -20.25 12.35 24.04
N THR B 179 -21.16 12.27 25.04
CA THR B 179 -20.85 11.72 26.38
C THR B 179 -21.38 10.30 26.52
N TYR B 180 -20.93 9.62 27.60
CA TYR B 180 -21.34 8.26 27.95
C TYR B 180 -22.22 8.29 29.20
N SER B 181 -23.00 7.22 29.40
CA SER B 181 -23.86 7.00 30.57
C SER B 181 -23.69 5.55 30.97
N MET B 182 -23.92 5.25 32.24
CA MET B 182 -23.76 3.91 32.76
C MET B 182 -24.76 3.66 33.85
N SER B 183 -25.26 2.43 33.89
CA SER B 183 -26.22 1.97 34.88
C SER B 183 -25.61 0.80 35.64
N SER B 184 -25.58 0.91 36.98
CA SER B 184 -25.09 -0.09 37.92
C SER B 184 -26.28 -0.61 38.70
N THR B 185 -26.42 -1.94 38.74
CA THR B 185 -27.57 -2.55 39.39
C THR B 185 -27.12 -3.61 40.38
N LEU B 186 -27.40 -3.37 41.67
CA LEU B 186 -27.11 -4.28 42.77
C LEU B 186 -28.38 -5.12 42.98
N THR B 187 -28.29 -6.44 42.80
CA THR B 187 -29.44 -7.32 42.97
C THR B 187 -29.31 -8.23 44.18
N LEU B 188 -30.24 -8.06 45.11
CA LEU B 188 -30.35 -8.82 46.36
C LEU B 188 -31.75 -9.42 46.44
N THR B 189 -31.93 -10.37 47.38
CA THR B 189 -33.25 -10.95 47.67
C THR B 189 -33.94 -9.93 48.61
N LYS B 190 -35.26 -10.01 48.78
CA LYS B 190 -36.01 -9.10 49.68
C LYS B 190 -35.46 -9.22 51.11
N ASP B 191 -35.14 -10.45 51.54
CA ASP B 191 -34.61 -10.80 52.86
C ASP B 191 -33.24 -10.19 53.10
N GLU B 192 -32.29 -10.38 52.16
CA GLU B 192 -30.93 -9.83 52.20
C GLU B 192 -30.99 -8.28 52.24
N TYR B 193 -31.97 -7.69 51.52
CA TYR B 193 -32.20 -6.25 51.49
C TYR B 193 -32.73 -5.71 52.82
N GLU B 194 -33.70 -6.42 53.43
CA GLU B 194 -34.33 -6.04 54.69
C GLU B 194 -33.40 -6.13 55.90
N ARG B 195 -32.34 -6.96 55.81
CA ARG B 195 -31.33 -7.16 56.85
C ARG B 195 -30.43 -5.93 57.07
N HIS B 196 -30.39 -5.00 56.12
CA HIS B 196 -29.55 -3.79 56.20
C HIS B 196 -30.34 -2.51 56.06
N ASN B 197 -29.68 -1.35 56.23
CA ASN B 197 -30.38 -0.07 56.16
C ASN B 197 -29.78 0.95 55.19
N SER B 198 -28.46 1.17 55.27
CA SER B 198 -27.77 2.14 54.43
C SER B 198 -27.26 1.53 53.13
N TYR B 199 -27.67 2.11 51.99
CA TYR B 199 -27.27 1.67 50.66
C TYR B 199 -26.64 2.83 49.95
N THR B 200 -25.38 2.67 49.57
CA THR B 200 -24.60 3.73 48.96
C THR B 200 -23.94 3.24 47.70
N CYS B 201 -23.83 4.14 46.73
CA CYS B 201 -23.09 3.87 45.52
C CYS B 201 -22.10 5.01 45.30
N GLU B 202 -20.83 4.65 45.13
CA GLU B 202 -19.77 5.64 44.98
C GLU B 202 -19.17 5.54 43.61
N ALA B 203 -19.14 6.69 42.93
CA ALA B 203 -18.60 6.80 41.58
C ALA B 203 -17.25 7.50 41.57
N THR B 204 -16.24 6.87 40.94
CA THR B 204 -14.93 7.47 40.79
C THR B 204 -14.64 7.72 39.33
N HIS B 205 -14.45 8.99 38.99
CA HIS B 205 -14.18 9.42 37.62
C HIS B 205 -12.98 10.36 37.60
N LYS B 206 -12.26 10.39 36.47
CA LYS B 206 -11.07 11.21 36.18
C LYS B 206 -11.23 12.69 36.59
N THR B 207 -12.47 13.20 36.51
CA THR B 207 -12.88 14.58 36.78
C THR B 207 -12.69 15.07 38.22
N SER B 208 -12.73 14.15 39.20
CA SER B 208 -12.54 14.49 40.60
C SER B 208 -11.82 13.39 41.36
N THR B 209 -10.92 13.79 42.25
CA THR B 209 -10.18 12.86 43.12
C THR B 209 -11.09 12.35 44.25
N SER B 210 -12.25 13.02 44.47
CA SER B 210 -13.24 12.65 45.48
C SER B 210 -14.41 11.90 44.82
N PRO B 211 -14.83 10.73 45.36
CA PRO B 211 -15.95 10.00 44.75
C PRO B 211 -17.28 10.74 44.83
N ILE B 212 -18.15 10.54 43.83
CA ILE B 212 -19.50 11.09 43.86
C ILE B 212 -20.30 10.03 44.59
N VAL B 213 -20.86 10.41 45.73
CA VAL B 213 -21.57 9.50 46.61
C VAL B 213 -23.06 9.81 46.66
N LYS B 214 -23.90 8.78 46.50
CA LYS B 214 -25.35 8.86 46.59
C LYS B 214 -25.82 7.70 47.43
N SER B 215 -26.72 7.97 48.38
CA SER B 215 -27.18 6.94 49.29
C SER B 215 -28.63 7.11 49.69
N PHE B 216 -29.16 6.09 50.36
CA PHE B 216 -30.50 6.10 50.93
C PHE B 216 -30.53 5.16 52.12
N ASN B 217 -31.46 5.44 53.05
CA ASN B 217 -31.71 4.65 54.25
C ASN B 217 -33.17 4.24 54.23
N ARG B 218 -33.46 3.00 54.65
CA ARG B 218 -34.84 2.48 54.71
C ARG B 218 -35.55 3.04 55.98
N ASN B 219 -35.95 4.33 55.90
CA ASN B 219 -36.61 5.12 56.93
C ASN B 219 -37.17 6.41 56.35
N GLU C 1 28.69 1.74 -24.20
CA GLU C 1 28.49 1.22 -22.85
C GLU C 1 28.70 2.34 -21.84
N VAL C 2 27.68 2.58 -21.01
CA VAL C 2 27.74 3.64 -19.98
C VAL C 2 28.76 3.34 -18.88
N GLN C 3 29.80 4.18 -18.78
CA GLN C 3 30.81 4.07 -17.73
C GLN C 3 30.95 5.41 -17.00
N LEU C 4 30.95 5.37 -15.65
CA LEU C 4 31.14 6.51 -14.75
C LEU C 4 32.35 6.14 -13.86
N VAL C 5 33.45 6.91 -13.94
CA VAL C 5 34.66 6.62 -13.18
C VAL C 5 35.05 7.72 -12.21
N GLU C 6 34.75 7.51 -10.92
CA GLU C 6 35.10 8.49 -9.88
C GLU C 6 36.56 8.37 -9.49
N SER C 7 37.14 9.50 -9.08
CA SER C 7 38.52 9.63 -8.61
C SER C 7 38.62 10.80 -7.65
N GLY C 8 39.69 10.86 -6.87
CA GLY C 8 39.91 11.97 -5.95
C GLY C 8 39.84 11.65 -4.48
N GLY C 9 39.19 10.54 -4.13
CA GLY C 9 39.02 10.08 -2.75
C GLY C 9 40.33 9.97 -2.01
N ASP C 10 40.35 10.41 -0.73
CA ASP C 10 41.57 10.44 0.08
C ASP C 10 41.26 10.65 1.57
N LEU C 11 42.31 10.61 2.40
CA LEU C 11 42.27 10.91 3.83
C LEU C 11 42.42 12.41 3.91
N VAL C 12 41.46 13.08 4.57
CA VAL C 12 41.45 14.53 4.75
C VAL C 12 41.26 14.83 6.23
N LYS C 13 41.98 15.83 6.76
CA LYS C 13 41.86 16.25 8.16
C LYS C 13 40.51 17.00 8.32
N PRO C 14 39.76 16.85 9.45
CA PRO C 14 38.52 17.64 9.62
C PRO C 14 38.79 19.14 9.43
N GLY C 15 37.89 19.79 8.72
CA GLY C 15 37.98 21.21 8.36
C GLY C 15 38.60 21.41 6.98
N GLY C 16 39.14 20.32 6.43
CA GLY C 16 39.81 20.31 5.13
C GLY C 16 38.94 20.37 3.91
N SER C 17 39.59 20.27 2.73
CA SER C 17 38.98 20.31 1.42
C SER C 17 39.45 19.16 0.56
N LEU C 18 38.62 18.77 -0.42
CA LEU C 18 38.92 17.71 -1.35
C LEU C 18 38.04 17.90 -2.56
N LYS C 19 38.56 17.59 -3.75
CA LYS C 19 37.82 17.68 -5.00
C LYS C 19 37.73 16.32 -5.66
N LEU C 20 36.50 15.83 -5.81
CA LEU C 20 36.23 14.57 -6.48
C LEU C 20 35.92 14.82 -7.96
N SER C 21 36.31 13.88 -8.82
CA SER C 21 36.08 13.92 -10.27
C SER C 21 35.40 12.65 -10.70
N CYS C 22 34.62 12.75 -11.76
CA CYS C 22 33.93 11.62 -12.33
C CYS C 22 33.99 11.76 -13.83
N ALA C 23 34.67 10.83 -14.50
CA ALA C 23 34.81 10.79 -15.97
C ALA C 23 33.69 9.89 -16.53
N ALA C 24 32.82 10.46 -17.36
CA ALA C 24 31.66 9.77 -17.92
C ALA C 24 31.86 9.46 -19.41
N SER C 25 31.43 8.27 -19.87
CA SER C 25 31.53 7.85 -21.27
C SER C 25 30.36 6.96 -21.70
N GLY C 26 30.11 6.82 -23.00
CA GLY C 26 29.06 5.96 -23.54
C GLY C 26 27.65 6.51 -23.56
N PHE C 27 27.51 7.84 -23.47
CA PHE C 27 26.26 8.61 -23.57
C PHE C 27 26.61 10.06 -23.83
N THR C 28 25.63 10.86 -24.31
CA THR C 28 25.78 12.29 -24.57
C THR C 28 25.69 12.99 -23.22
N PHE C 29 26.85 13.13 -22.57
CA PHE C 29 26.99 13.72 -21.26
C PHE C 29 26.23 15.04 -21.07
N SER C 30 26.21 15.90 -22.10
CA SER C 30 25.53 17.19 -21.99
C SER C 30 24.01 17.14 -21.99
N SER C 31 23.42 15.95 -22.23
CA SER C 31 21.97 15.69 -22.26
C SER C 31 21.47 15.17 -20.91
N TYR C 32 22.38 14.87 -19.96
CA TYR C 32 21.96 14.31 -18.68
C TYR C 32 22.42 15.10 -17.50
N GLY C 33 21.55 15.17 -16.50
CA GLY C 33 21.83 15.72 -15.19
C GLY C 33 22.66 14.69 -14.47
N MET C 34 23.48 15.09 -13.51
CA MET C 34 24.36 14.17 -12.78
C MET C 34 24.19 14.42 -11.30
N SER C 35 24.38 13.40 -10.47
CA SER C 35 24.27 13.57 -9.02
C SER C 35 25.40 12.90 -8.26
N TRP C 36 25.55 13.24 -6.99
CA TRP C 36 26.48 12.56 -6.10
C TRP C 36 25.65 11.95 -5.00
N VAL C 37 25.92 10.68 -4.70
CA VAL C 37 25.25 9.92 -3.64
C VAL C 37 26.36 9.26 -2.84
N ARG C 38 26.32 9.41 -1.52
CA ARG C 38 27.31 8.79 -0.68
C ARG C 38 26.76 7.63 0.13
N GLN C 39 27.59 6.61 0.36
CA GLN C 39 27.23 5.48 1.19
C GLN C 39 28.14 5.43 2.40
N THR C 40 27.55 5.68 3.56
CA THR C 40 28.18 5.73 4.87
C THR C 40 28.56 4.33 5.43
N PRO C 41 29.44 4.23 6.47
CA PRO C 41 29.81 2.89 6.99
C PRO C 41 28.65 2.00 7.46
N ASP C 42 27.50 2.59 7.85
CA ASP C 42 26.28 1.90 8.27
C ASP C 42 25.51 1.34 7.05
N LYS C 43 26.04 1.60 5.85
CA LYS C 43 25.55 1.19 4.54
C LYS C 43 24.35 1.99 4.01
N ARG C 44 23.97 3.08 4.73
CA ARG C 44 22.92 4.01 4.33
C ARG C 44 23.34 4.83 3.09
N LEU C 45 22.39 5.02 2.16
CA LEU C 45 22.56 5.78 0.92
C LEU C 45 22.03 7.20 1.13
N GLU C 46 22.88 8.20 0.88
CA GLU C 46 22.54 9.60 1.11
C GLU C 46 22.81 10.49 -0.09
N TRP C 47 21.76 11.12 -0.63
CA TRP C 47 21.91 12.05 -1.75
C TRP C 47 22.69 13.31 -1.32
N VAL C 48 23.75 13.66 -2.08
CA VAL C 48 24.67 14.76 -1.78
C VAL C 48 24.41 16.01 -2.63
N ALA C 49 24.22 15.87 -3.95
CA ALA C 49 24.05 17.02 -4.83
C ALA C 49 23.62 16.61 -6.19
N THR C 50 22.90 17.47 -6.90
CA THR C 50 22.59 17.27 -8.32
C THR C 50 22.84 18.54 -9.09
N ILE C 51 23.22 18.38 -10.36
CA ILE C 51 23.48 19.41 -11.34
C ILE C 51 22.80 19.02 -12.67
N SER C 52 21.99 19.91 -13.24
CA SER C 52 21.30 19.66 -14.50
C SER C 52 22.26 19.47 -15.69
N SER C 53 21.76 18.90 -16.80
CA SER C 53 22.53 18.64 -18.04
C SER C 53 23.48 19.76 -18.42
N GLY C 54 22.98 20.98 -18.37
CA GLY C 54 23.72 22.18 -18.76
C GLY C 54 24.60 22.85 -17.72
N GLY C 55 24.36 22.57 -16.44
CA GLY C 55 25.07 23.21 -15.34
C GLY C 55 24.32 24.42 -14.81
N ASN C 56 23.05 24.58 -15.20
CA ASN C 56 22.22 25.75 -14.85
C ASN C 56 21.53 25.61 -13.52
N TYR C 57 21.01 24.42 -13.24
CA TYR C 57 20.29 24.16 -12.01
C TYR C 57 21.06 23.25 -11.10
N ILE C 58 21.22 23.71 -9.85
CA ILE C 58 21.98 23.02 -8.82
C ILE C 58 21.11 22.81 -7.60
N TYR C 59 21.15 21.61 -7.04
CA TYR C 59 20.36 21.21 -5.89
C TYR C 59 21.24 20.61 -4.81
N TYR C 60 20.97 20.97 -3.55
CA TYR C 60 21.69 20.44 -2.38
C TYR C 60 20.79 20.11 -1.21
N PRO C 61 21.13 19.04 -0.44
CA PRO C 61 20.44 18.80 0.81
C PRO C 61 21.02 19.70 1.90
N ASP C 62 20.27 19.87 3.02
CA ASP C 62 20.67 20.69 4.16
C ASP C 62 22.03 20.30 4.78
N THR C 63 22.39 19.01 4.72
CA THR C 63 23.63 18.45 5.29
C THR C 63 24.92 18.94 4.62
N VAL C 64 24.83 19.36 3.36
CA VAL C 64 25.97 19.67 2.50
C VAL C 64 26.00 21.10 1.91
N LYS C 65 24.83 21.76 1.82
CA LYS C 65 24.73 23.11 1.28
C LYS C 65 25.66 24.06 2.05
N GLY C 66 26.38 24.90 1.31
CA GLY C 66 27.33 25.85 1.88
C GLY C 66 28.73 25.32 2.08
N ARG C 67 28.90 23.99 2.01
CA ARG C 67 30.21 23.35 2.16
C ARG C 67 30.62 22.69 0.84
N PHE C 68 29.68 22.05 0.14
CA PHE C 68 30.00 21.34 -1.10
C PHE C 68 29.49 22.08 -2.33
N THR C 69 30.25 21.98 -3.43
CA THR C 69 29.91 22.62 -4.69
C THR C 69 30.00 21.59 -5.78
N ILE C 70 28.87 21.33 -6.44
CA ILE C 70 28.78 20.45 -7.58
C ILE C 70 29.01 21.31 -8.82
N SER C 71 29.74 20.77 -9.78
CA SER C 71 30.03 21.44 -11.05
C SER C 71 30.29 20.38 -12.09
N ARG C 72 30.30 20.77 -13.36
CA ARG C 72 30.55 19.88 -14.48
C ARG C 72 31.27 20.64 -15.55
N ASP C 73 31.97 19.93 -16.42
CA ASP C 73 32.61 20.48 -17.61
C ASP C 73 32.18 19.59 -18.78
N ASN C 74 31.10 20.00 -19.48
CA ASN C 74 30.55 19.22 -20.61
C ASN C 74 31.53 19.01 -21.76
N ALA C 75 32.64 19.79 -21.78
CA ALA C 75 33.70 19.72 -22.79
C ALA C 75 34.75 18.67 -22.43
N LYS C 76 34.88 18.36 -21.14
CA LYS C 76 35.82 17.36 -20.64
C LYS C 76 35.10 16.07 -20.24
N ASN C 77 33.73 16.06 -20.29
CA ASN C 77 32.85 14.94 -19.90
C ASN C 77 33.11 14.56 -18.44
N THR C 78 33.28 15.57 -17.60
CA THR C 78 33.59 15.38 -16.20
C THR C 78 32.58 16.07 -15.30
N LEU C 79 32.30 15.42 -14.17
CA LEU C 79 31.48 15.91 -13.08
C LEU C 79 32.44 16.14 -11.90
N TYR C 80 32.24 17.21 -11.13
CA TYR C 80 33.09 17.51 -9.99
C TYR C 80 32.31 17.70 -8.70
N LEU C 81 33.00 17.50 -7.57
CA LEU C 81 32.45 17.77 -6.25
C LEU C 81 33.55 18.38 -5.42
N GLN C 82 33.44 19.71 -5.17
CA GLN C 82 34.41 20.39 -4.35
C GLN C 82 33.85 20.41 -2.94
N MET C 83 34.50 19.65 -2.04
CA MET C 83 34.11 19.55 -0.64
C MET C 83 35.04 20.40 0.19
N SER C 84 34.48 21.19 1.12
CA SER C 84 35.24 22.03 2.04
C SER C 84 34.61 21.96 3.43
N SER C 85 35.33 22.40 4.50
CA SER C 85 34.87 22.31 5.90
C SER C 85 34.42 20.89 6.19
N LEU C 86 35.25 19.93 5.75
CA LEU C 86 35.00 18.50 5.88
C LEU C 86 34.90 18.06 7.33
N LYS C 87 33.92 17.22 7.66
CA LYS C 87 33.75 16.68 9.00
C LYS C 87 33.71 15.16 8.96
N SER C 88 33.96 14.47 10.10
CA SER C 88 34.00 13.01 10.15
C SER C 88 32.74 12.35 9.60
N GLU C 89 31.57 12.96 9.81
CA GLU C 89 30.30 12.43 9.28
C GLU C 89 30.21 12.49 7.74
N ASP C 90 31.24 13.05 7.10
CA ASP C 90 31.35 13.11 5.65
C ASP C 90 32.12 11.88 5.12
N THR C 91 32.65 11.03 6.04
CA THR C 91 33.38 9.80 5.71
C THR C 91 32.39 8.84 5.08
N ALA C 92 32.64 8.46 3.82
CA ALA C 92 31.76 7.59 3.04
C ALA C 92 32.37 7.25 1.70
N MET C 93 31.69 6.37 0.96
CA MET C 93 32.00 6.00 -0.41
C MET C 93 31.17 6.97 -1.25
N TYR C 94 31.80 7.71 -2.16
CA TYR C 94 31.08 8.68 -2.97
C TYR C 94 30.82 8.18 -4.33
N TYR C 95 29.54 8.12 -4.72
CA TYR C 95 29.14 7.67 -6.04
C TYR C 95 28.66 8.79 -6.93
N CYS C 96 29.06 8.70 -8.17
CA CYS C 96 28.71 9.57 -9.27
C CYS C 96 27.55 8.85 -9.93
N THR C 97 26.46 9.56 -10.19
CA THR C 97 25.29 8.89 -10.76
C THR C 97 24.69 9.63 -11.93
N ARG C 98 24.17 8.89 -12.90
CA ARG C 98 23.53 9.57 -14.00
C ARG C 98 22.06 9.56 -13.80
N GLU C 99 21.49 10.75 -13.88
CA GLU C 99 20.08 10.99 -13.77
C GLU C 99 19.42 10.53 -15.09
N GLY C 100 18.37 9.74 -14.96
CA GLY C 100 17.67 9.16 -16.10
C GLY C 100 16.54 9.96 -16.69
N ALA C 101 15.94 10.90 -15.91
CA ALA C 101 14.83 11.73 -16.36
C ALA C 101 15.07 12.37 -17.72
N TYR C 102 16.34 12.67 -18.00
CA TYR C 102 16.85 13.28 -19.23
C TYR C 102 16.73 12.39 -20.46
N SER C 103 16.62 11.06 -20.27
CA SER C 103 16.44 10.13 -21.39
C SER C 103 15.11 10.40 -22.09
N GLY C 104 14.05 10.63 -21.32
CA GLY C 104 12.71 10.89 -21.84
C GLY C 104 11.71 11.36 -20.81
N SER C 105 11.00 10.41 -20.17
CA SER C 105 9.97 10.70 -19.16
C SER C 105 10.56 11.04 -17.78
N SER C 106 9.73 11.63 -16.90
CA SER C 106 10.09 11.98 -15.52
C SER C 106 10.20 10.70 -14.69
N SER C 107 9.62 9.59 -15.22
CA SER C 107 9.59 8.23 -14.69
C SER C 107 10.94 7.75 -14.24
N TYR C 108 11.97 8.15 -14.98
CA TYR C 108 13.33 7.75 -14.74
C TYR C 108 14.08 8.47 -13.62
N PRO C 109 14.40 7.65 -12.60
CA PRO C 109 15.29 8.08 -11.50
C PRO C 109 16.75 8.00 -11.98
N MET C 110 17.76 8.15 -11.08
CA MET C 110 19.17 7.97 -11.45
C MET C 110 19.33 6.51 -11.91
N ASP C 111 19.92 6.27 -13.09
CA ASP C 111 20.03 4.89 -13.57
C ASP C 111 21.43 4.26 -13.49
N TYR C 112 22.47 4.98 -13.85
CA TYR C 112 23.80 4.39 -13.73
C TYR C 112 24.58 4.96 -12.57
N TRP C 113 25.31 4.10 -11.84
CA TRP C 113 26.16 4.47 -10.71
C TRP C 113 27.58 4.11 -11.06
N GLY C 114 28.54 4.89 -10.60
CA GLY C 114 29.95 4.58 -10.81
C GLY C 114 30.43 3.61 -9.76
N GLN C 115 31.75 3.36 -9.68
CA GLN C 115 32.26 2.43 -8.67
C GLN C 115 32.50 3.04 -7.30
N GLY C 116 32.62 4.37 -7.25
CA GLY C 116 32.86 5.15 -6.05
C GLY C 116 34.31 5.43 -5.74
N THR C 117 34.55 6.47 -4.92
CA THR C 117 35.83 6.82 -4.31
C THR C 117 35.57 7.02 -2.85
N SER C 118 36.35 6.35 -2.01
CA SER C 118 36.17 6.50 -0.58
C SER C 118 36.93 7.71 -0.08
N VAL C 119 36.26 8.45 0.79
CA VAL C 119 36.73 9.67 1.43
C VAL C 119 36.72 9.38 2.92
N THR C 120 37.85 9.64 3.58
CA THR C 120 37.97 9.44 5.02
C THR C 120 38.29 10.77 5.63
N VAL C 121 37.43 11.26 6.52
CA VAL C 121 37.67 12.52 7.22
C VAL C 121 38.10 12.15 8.62
N SER C 122 39.42 12.30 8.90
CA SER C 122 40.04 11.95 10.17
C SER C 122 41.29 12.75 10.47
N SER C 123 41.55 12.90 11.77
CA SER C 123 42.75 13.54 12.29
C SER C 123 43.87 12.47 12.52
N ALA C 124 43.50 11.10 12.70
CA ALA C 124 44.44 9.94 12.85
C ALA C 124 45.33 9.99 11.63
N LYS C 125 46.64 9.80 11.86
CA LYS C 125 47.69 9.88 10.85
C LYS C 125 47.72 8.63 10.01
N THR C 126 48.06 8.79 8.72
CA THR C 126 48.17 7.71 7.75
C THR C 126 49.37 6.83 8.10
N THR C 127 49.09 5.54 8.35
CA THR C 127 50.08 4.54 8.78
C THR C 127 50.09 3.33 7.79
N PRO C 128 51.27 2.91 7.27
CA PRO C 128 51.28 1.75 6.37
C PRO C 128 51.15 0.44 7.16
N PRO C 129 50.63 -0.63 6.53
CA PRO C 129 50.46 -1.89 7.26
C PRO C 129 51.75 -2.70 7.43
N SER C 130 51.72 -3.62 8.40
CA SER C 130 52.76 -4.60 8.67
C SER C 130 52.15 -5.92 8.20
N VAL C 131 52.79 -6.56 7.21
CA VAL C 131 52.29 -7.83 6.66
C VAL C 131 53.07 -9.00 7.24
N TYR C 132 52.34 -9.94 7.85
CA TYR C 132 52.90 -11.13 8.46
C TYR C 132 52.37 -12.37 7.76
N PRO C 133 53.25 -13.30 7.33
CA PRO C 133 52.77 -14.52 6.66
C PRO C 133 52.21 -15.51 7.68
N LEU C 134 51.18 -16.25 7.26
CA LEU C 134 50.53 -17.26 8.08
C LEU C 134 50.72 -18.60 7.42
N ALA C 135 51.71 -19.36 7.88
CA ALA C 135 52.02 -20.68 7.36
C ALA C 135 51.85 -21.72 8.46
N PRO C 136 51.40 -22.95 8.14
CA PRO C 136 51.24 -23.98 9.19
C PRO C 136 52.58 -24.39 9.80
N ASP C 140 51.65 -30.28 11.93
CA ASP C 140 50.56 -31.12 11.47
C ASP C 140 50.81 -31.84 10.13
N THR C 141 50.27 -33.08 10.03
CA THR C 141 50.39 -33.92 8.83
C THR C 141 49.42 -33.40 7.77
N THR C 142 50.01 -32.69 6.79
CA THR C 142 49.40 -32.06 5.62
C THR C 142 48.45 -33.00 4.85
N GLY C 143 47.21 -32.55 4.69
CA GLY C 143 46.14 -33.27 3.99
C GLY C 143 46.20 -33.10 2.48
N SER C 144 45.03 -33.13 1.81
CA SER C 144 44.97 -32.96 0.36
C SER C 144 45.18 -31.50 -0.06
N SER C 145 44.79 -30.58 0.86
CA SER C 145 44.85 -29.12 0.69
C SER C 145 45.41 -28.39 1.91
N VAL C 146 46.18 -27.33 1.66
CA VAL C 146 46.76 -26.52 2.72
C VAL C 146 46.12 -25.12 2.74
N THR C 147 45.92 -24.56 3.95
CA THR C 147 45.41 -23.20 4.12
C THR C 147 46.57 -22.31 4.54
N LEU C 148 46.82 -21.26 3.74
CA LEU C 148 47.85 -20.26 3.97
C LEU C 148 47.14 -18.93 4.21
N GLY C 149 47.81 -17.97 4.85
CA GLY C 149 47.21 -16.67 5.11
C GLY C 149 48.18 -15.52 5.24
N CYS C 150 47.62 -14.30 5.33
CA CYS C 150 48.39 -13.08 5.54
C CYS C 150 47.71 -12.20 6.54
N LEU C 151 48.45 -11.76 7.54
CA LEU C 151 47.91 -10.89 8.58
C LEU C 151 48.43 -9.51 8.31
N VAL C 152 47.53 -8.59 7.96
CA VAL C 152 47.92 -7.22 7.67
C VAL C 152 47.42 -6.34 8.80
N LYS C 153 48.39 -5.88 9.61
CA LYS C 153 48.18 -5.20 10.87
C LYS C 153 48.67 -3.76 10.97
N GLY C 154 47.94 -2.97 11.75
CA GLY C 154 48.28 -1.60 12.10
C GLY C 154 48.31 -0.54 11.01
N TYR C 155 47.40 -0.63 10.04
CA TYR C 155 47.32 0.41 9.02
C TYR C 155 46.14 1.32 9.28
N PHE C 156 46.19 2.51 8.69
CA PHE C 156 45.18 3.56 8.68
C PHE C 156 45.46 4.47 7.49
N PRO C 157 44.43 4.93 6.75
CA PRO C 157 42.99 4.59 6.88
C PRO C 157 42.64 3.35 6.05
N GLU C 158 41.35 3.01 5.98
CA GLU C 158 40.91 1.91 5.13
C GLU C 158 40.87 2.47 3.66
N SER C 159 41.25 1.72 2.61
CA SER C 159 41.43 0.28 2.53
C SER C 159 42.83 -0.24 2.13
N VAL C 160 42.88 -1.56 2.06
CA VAL C 160 43.99 -2.41 1.71
C VAL C 160 43.46 -3.47 0.73
N THR C 161 44.27 -3.88 -0.24
CA THR C 161 43.93 -4.94 -1.19
C THR C 161 45.00 -6.01 -1.08
N VAL C 162 44.57 -7.26 -0.90
CA VAL C 162 45.45 -8.42 -0.79
C VAL C 162 45.17 -9.31 -1.99
N THR C 163 46.24 -9.68 -2.72
CA THR C 163 46.15 -10.57 -3.87
C THR C 163 47.15 -11.71 -3.72
N TRP C 164 46.74 -12.91 -4.13
CA TRP C 164 47.59 -14.08 -4.01
C TRP C 164 48.16 -14.50 -5.35
N ASN C 165 49.50 -14.71 -5.40
CA ASN C 165 50.28 -15.03 -6.61
C ASN C 165 50.05 -13.98 -7.71
N SER C 166 49.79 -12.73 -7.24
CA SER C 166 49.47 -11.52 -8.01
C SER C 166 48.19 -11.65 -8.89
N GLY C 167 47.19 -12.36 -8.37
CA GLY C 167 45.90 -12.58 -9.03
C GLY C 167 45.67 -13.98 -9.56
N SER C 168 46.77 -14.76 -9.77
CA SER C 168 46.74 -16.13 -10.28
C SER C 168 45.89 -17.04 -9.39
N LEU C 169 46.12 -16.95 -8.05
CA LEU C 169 45.37 -17.67 -7.03
C LEU C 169 44.19 -16.75 -6.61
N SER C 170 43.04 -16.93 -7.28
CA SER C 170 41.80 -16.18 -7.08
C SER C 170 40.69 -17.02 -6.44
N SER C 171 40.47 -18.24 -6.95
CA SER C 171 39.39 -19.15 -6.56
C SER C 171 39.05 -19.58 -5.10
N SER C 172 40.03 -19.77 -4.21
CA SER C 172 39.90 -20.24 -2.82
C SER C 172 40.38 -19.17 -1.80
N VAL C 173 40.21 -17.88 -2.17
CA VAL C 173 40.61 -16.74 -1.35
C VAL C 173 39.45 -16.24 -0.50
N HIS C 174 39.76 -15.92 0.77
CA HIS C 174 38.82 -15.33 1.74
C HIS C 174 39.45 -14.06 2.27
N THR C 175 38.72 -12.95 2.14
CA THR C 175 39.18 -11.64 2.60
C THR C 175 38.37 -11.28 3.83
N PHE C 176 39.03 -11.19 4.98
CA PHE C 176 38.33 -10.89 6.21
C PHE C 176 38.27 -9.40 6.48
N PRO C 177 37.04 -8.86 6.61
CA PRO C 177 36.88 -7.41 6.85
C PRO C 177 37.71 -6.88 8.02
N ALA C 178 38.22 -5.65 7.85
CA ALA C 178 39.05 -4.99 8.85
C ALA C 178 38.29 -4.59 10.11
N LEU C 179 38.99 -4.65 11.24
CA LEU C 179 38.47 -4.26 12.55
C LEU C 179 39.45 -3.28 13.16
N LEU C 180 38.92 -2.24 13.81
CA LEU C 180 39.73 -1.21 14.42
C LEU C 180 40.18 -1.67 15.80
N GLN C 181 41.48 -1.64 16.01
CA GLN C 181 42.11 -2.06 17.27
C GLN C 181 43.20 -1.07 17.63
N SER C 182 42.99 -0.31 18.73
CA SER C 182 43.88 0.72 19.25
C SER C 182 44.09 1.85 18.22
N GLY C 183 42.98 2.25 17.60
CA GLY C 183 42.93 3.31 16.60
C GLY C 183 43.57 2.99 15.27
N LEU C 184 43.77 1.69 14.97
CA LEU C 184 44.34 1.23 13.71
C LEU C 184 43.63 -0.03 13.22
N TYR C 185 43.59 -0.21 11.89
CA TYR C 185 42.95 -1.39 11.32
C TYR C 185 43.86 -2.63 11.26
N THR C 186 43.22 -3.79 11.27
CA THR C 186 43.84 -5.10 11.15
C THR C 186 42.89 -5.96 10.35
N MET C 187 43.44 -6.66 9.36
CA MET C 187 42.67 -7.58 8.56
C MET C 187 43.50 -8.81 8.21
N SER C 188 42.87 -9.78 7.56
CA SER C 188 43.53 -11.01 7.15
C SER C 188 42.91 -11.56 5.89
N SER C 189 43.67 -12.41 5.21
CA SER C 189 43.29 -13.08 3.98
C SER C 189 43.77 -14.53 4.03
N SER C 190 43.03 -15.45 3.41
CA SER C 190 43.42 -16.86 3.36
C SER C 190 43.26 -17.46 1.95
N VAL C 191 44.15 -18.42 1.61
CA VAL C 191 44.13 -19.23 0.38
C VAL C 191 44.17 -20.69 0.79
N THR C 192 43.44 -21.50 0.02
CA THR C 192 43.40 -22.95 0.12
C THR C 192 43.89 -23.50 -1.22
N VAL C 193 45.10 -24.04 -1.24
CA VAL C 193 45.80 -24.61 -2.40
C VAL C 193 45.97 -26.14 -2.25
N PRO C 194 46.11 -26.93 -3.36
CA PRO C 194 46.37 -28.37 -3.18
C PRO C 194 47.78 -28.57 -2.60
N SER C 195 47.95 -29.59 -1.72
CA SER C 195 49.22 -29.90 -1.06
C SER C 195 50.39 -30.19 -2.03
N SER C 196 50.05 -30.56 -3.29
CA SER C 196 50.99 -30.82 -4.38
C SER C 196 51.65 -29.51 -4.90
N THR C 197 51.00 -28.35 -4.64
CA THR C 197 51.46 -27.02 -5.09
C THR C 197 52.22 -26.24 -4.01
N TRP C 198 52.05 -26.58 -2.73
CA TRP C 198 52.77 -25.87 -1.67
C TRP C 198 53.34 -26.83 -0.62
N PRO C 199 54.63 -26.68 -0.24
CA PRO C 199 55.58 -25.63 -0.62
C PRO C 199 56.39 -25.81 -1.91
N SER C 200 56.04 -26.81 -2.77
CA SER C 200 56.74 -27.09 -4.04
C SER C 200 56.82 -25.87 -4.96
N GLN C 201 55.70 -25.16 -5.15
CA GLN C 201 55.62 -23.93 -5.93
C GLN C 201 55.50 -22.76 -4.95
N THR C 202 56.05 -21.60 -5.32
CA THR C 202 56.06 -20.39 -4.50
C THR C 202 54.70 -19.68 -4.42
N VAL C 203 54.24 -19.43 -3.17
CA VAL C 203 52.99 -18.74 -2.84
C VAL C 203 53.31 -17.42 -2.13
N THR C 204 52.92 -16.29 -2.73
CA THR C 204 53.15 -14.97 -2.15
C THR C 204 51.86 -14.15 -2.10
N CYS C 205 51.68 -13.38 -1.00
CA CYS C 205 50.56 -12.46 -0.91
C CYS C 205 51.10 -11.05 -1.13
N SER C 206 50.36 -10.27 -1.94
CA SER C 206 50.71 -8.89 -2.27
C SER C 206 49.69 -7.99 -1.62
N VAL C 207 50.16 -7.11 -0.74
CA VAL C 207 49.32 -6.18 -0.01
C VAL C 207 49.59 -4.79 -0.50
N ALA C 208 48.53 -4.07 -0.88
CA ALA C 208 48.65 -2.71 -1.33
C ALA C 208 47.79 -1.80 -0.47
N HIS C 209 48.41 -0.74 0.06
CA HIS C 209 47.76 0.29 0.87
C HIS C 209 47.97 1.56 0.05
N PRO C 210 46.96 1.95 -0.79
CA PRO C 210 47.14 3.10 -1.67
C PRO C 210 47.39 4.41 -0.94
N ALA C 211 46.76 4.59 0.24
CA ALA C 211 46.86 5.78 1.09
C ALA C 211 48.31 6.11 1.47
N SER C 212 49.13 5.08 1.78
CA SER C 212 50.53 5.30 2.13
C SER C 212 51.43 4.96 0.96
N SER C 213 50.84 4.80 -0.27
CA SER C 213 51.54 4.43 -1.51
C SER C 213 52.49 3.25 -1.27
N THR C 214 51.99 2.29 -0.47
CA THR C 214 52.71 1.10 -0.03
C THR C 214 52.24 -0.15 -0.74
N THR C 215 53.22 -0.98 -1.11
CA THR C 215 53.09 -2.30 -1.72
C THR C 215 54.11 -3.18 -1.02
N VAL C 216 53.63 -4.28 -0.45
CA VAL C 216 54.47 -5.21 0.27
C VAL C 216 54.11 -6.64 -0.16
N ASP C 217 55.11 -7.37 -0.66
CA ASP C 217 54.97 -8.73 -1.14
C ASP C 217 55.66 -9.70 -0.20
N LYS C 218 54.88 -10.57 0.45
CA LYS C 218 55.39 -11.53 1.41
C LYS C 218 55.26 -12.96 0.90
N LYS C 219 56.39 -13.66 0.79
CA LYS C 219 56.46 -15.05 0.34
C LYS C 219 56.16 -15.93 1.54
N LEU C 220 55.32 -16.95 1.33
CA LEU C 220 54.94 -17.88 2.37
C LEU C 220 55.85 -19.09 2.35
N GLU C 221 56.64 -19.22 3.42
CA GLU C 221 57.63 -20.28 3.58
C GLU C 221 57.26 -21.26 4.71
N PRO C 222 57.52 -22.58 4.53
CA PRO C 222 57.20 -23.55 5.59
C PRO C 222 58.12 -23.45 6.82
N SER C 223 57.79 -24.18 7.90
CA SER C 223 58.52 -24.13 9.17
C SER C 223 59.20 -25.44 9.62
N GLY C 224 60.23 -25.28 10.45
CA GLY C 224 61.03 -26.35 11.04
C GLY C 224 62.46 -25.93 11.32
N ASN D 1 10.99 16.41 5.15
CA ASN D 1 11.75 15.29 4.58
C ASN D 1 10.97 13.98 4.62
N ILE D 2 10.74 13.36 3.45
CA ILE D 2 10.07 12.07 3.32
C ILE D 2 11.05 11.01 3.76
N MET D 3 10.85 10.43 4.93
CA MET D 3 11.75 9.37 5.39
C MET D 3 11.26 8.02 4.87
N MET D 4 12.20 7.21 4.34
CA MET D 4 11.98 5.87 3.81
C MET D 4 12.38 4.83 4.84
N THR D 5 11.49 3.89 5.14
CA THR D 5 11.74 2.85 6.12
C THR D 5 11.63 1.47 5.47
N GLN D 6 12.64 0.63 5.68
CA GLN D 6 12.67 -0.71 5.10
C GLN D 6 12.64 -1.81 6.12
N SER D 7 11.76 -2.80 5.90
CA SER D 7 11.62 -3.95 6.78
C SER D 7 11.45 -5.28 6.01
N PRO D 8 12.12 -6.36 6.43
CA PRO D 8 13.06 -6.44 7.57
C PRO D 8 14.42 -5.86 7.18
N SER D 9 15.35 -5.70 8.13
CA SER D 9 16.69 -5.18 7.82
C SER D 9 17.46 -6.21 6.99
N SER D 10 17.13 -7.50 7.18
CA SER D 10 17.74 -8.63 6.48
C SER D 10 16.82 -9.83 6.52
N LEU D 11 16.99 -10.75 5.56
CA LEU D 11 16.22 -11.98 5.52
C LEU D 11 16.92 -13.05 4.73
N ALA D 12 16.84 -14.28 5.22
CA ALA D 12 17.45 -15.45 4.60
C ALA D 12 16.39 -16.26 3.91
N VAL D 13 16.67 -16.63 2.67
CA VAL D 13 15.74 -17.39 1.86
C VAL D 13 16.50 -18.49 1.14
N SER D 14 15.82 -19.62 0.81
CA SER D 14 16.47 -20.73 0.12
C SER D 14 16.24 -20.54 -1.37
N ALA D 15 17.21 -20.91 -2.22
CA ALA D 15 17.04 -20.77 -3.67
C ALA D 15 15.71 -21.39 -4.12
N GLY D 16 14.97 -20.65 -4.95
CA GLY D 16 13.67 -21.10 -5.45
C GLY D 16 12.47 -20.61 -4.66
N GLU D 17 12.67 -20.05 -3.44
CA GLU D 17 11.56 -19.49 -2.65
C GLU D 17 11.16 -18.09 -3.13
N LYS D 18 9.95 -17.65 -2.77
CA LYS D 18 9.43 -16.31 -3.03
C LYS D 18 9.84 -15.42 -1.85
N VAL D 19 10.28 -14.19 -2.14
CA VAL D 19 10.71 -13.20 -1.14
C VAL D 19 9.88 -11.94 -1.31
N THR D 20 9.50 -11.35 -0.18
CA THR D 20 8.79 -10.08 -0.15
C THR D 20 9.52 -9.16 0.83
N MET D 21 9.94 -7.98 0.34
CA MET D 21 10.56 -6.96 1.19
C MET D 21 9.75 -5.70 1.11
N ASN D 22 9.57 -5.04 2.25
CA ASN D 22 8.71 -3.87 2.40
C ASN D 22 9.44 -2.55 2.51
N CYS D 23 8.81 -1.49 1.94
CA CYS D 23 9.23 -0.10 1.98
C CYS D 23 8.04 0.78 2.39
N LYS D 24 8.27 1.70 3.34
CA LYS D 24 7.27 2.62 3.87
C LYS D 24 7.78 4.04 3.83
N SER D 25 7.05 4.94 3.15
CA SER D 25 7.44 6.34 3.11
C SER D 25 6.63 7.13 4.14
N SER D 26 7.27 8.10 4.84
CA SER D 26 6.63 8.93 5.88
C SER D 26 5.39 9.68 5.38
N GLN D 27 5.37 9.98 4.07
CA GLN D 27 4.24 10.62 3.38
C GLN D 27 4.10 10.07 1.98
N SER D 28 2.89 10.20 1.41
CA SER D 28 2.59 9.69 0.07
C SER D 28 3.56 10.17 -1.00
N VAL D 29 3.92 9.25 -1.91
CA VAL D 29 4.80 9.51 -3.05
C VAL D 29 4.01 9.41 -4.36
N LEU D 30 2.67 9.28 -4.25
CA LEU D 30 1.74 9.23 -5.37
C LEU D 30 1.50 10.66 -5.82
N TYR D 31 1.64 10.91 -7.13
CA TYR D 31 1.52 12.25 -7.69
C TYR D 31 0.16 12.94 -7.70
N SER D 32 -0.94 12.19 -7.94
CA SER D 32 -2.34 12.66 -8.04
C SER D 32 -2.67 13.41 -9.34
N SER D 33 -1.65 14.02 -9.99
CA SER D 33 -1.74 14.67 -11.30
C SER D 33 -1.43 13.58 -12.34
N ASN D 34 -0.23 12.94 -12.20
CA ASN D 34 0.28 11.83 -13.00
C ASN D 34 -0.48 10.56 -12.61
N GLN D 35 -0.79 10.44 -11.30
CA GLN D 35 -1.37 9.30 -10.59
C GLN D 35 -0.31 8.19 -10.62
N LYS D 36 0.97 8.60 -10.52
CA LYS D 36 2.16 7.76 -10.52
C LYS D 36 2.91 7.88 -9.22
N ASN D 37 3.40 6.74 -8.70
CA ASN D 37 4.17 6.70 -7.46
C ASN D 37 5.64 6.93 -7.80
N TYR D 38 6.26 7.92 -7.16
CA TYR D 38 7.66 8.27 -7.41
C TYR D 38 8.58 7.46 -6.50
N LEU D 39 8.56 6.14 -6.72
CA LEU D 39 9.34 5.17 -5.98
C LEU D 39 10.17 4.32 -6.90
N ALA D 40 11.42 4.09 -6.50
CA ALA D 40 12.36 3.25 -7.23
C ALA D 40 12.98 2.21 -6.30
N TRP D 41 13.44 1.11 -6.88
CA TRP D 41 14.13 0.06 -6.16
C TRP D 41 15.48 -0.15 -6.83
N TYR D 42 16.54 -0.18 -6.03
CA TYR D 42 17.92 -0.42 -6.48
C TYR D 42 18.43 -1.69 -5.84
N GLN D 43 19.28 -2.42 -6.57
CA GLN D 43 19.91 -3.64 -6.10
C GLN D 43 21.41 -3.40 -6.02
N GLN D 44 22.03 -3.71 -4.87
CA GLN D 44 23.46 -3.57 -4.72
C GLN D 44 24.12 -4.91 -4.36
N LYS D 45 24.72 -5.57 -5.35
CA LYS D 45 25.41 -6.84 -5.15
C LYS D 45 26.78 -6.55 -4.49
N PRO D 46 27.34 -7.47 -3.67
CA PRO D 46 28.63 -7.17 -3.01
C PRO D 46 29.76 -6.71 -3.93
N GLY D 47 30.47 -5.67 -3.50
CA GLY D 47 31.59 -5.05 -4.21
C GLY D 47 31.22 -4.27 -5.45
N GLN D 48 29.92 -4.02 -5.66
CA GLN D 48 29.40 -3.29 -6.81
C GLN D 48 28.62 -2.05 -6.40
N SER D 49 28.37 -1.15 -7.36
CA SER D 49 27.57 0.05 -7.15
C SER D 49 26.09 -0.33 -7.36
N PRO D 50 25.11 0.42 -6.82
CA PRO D 50 23.70 0.06 -7.06
C PRO D 50 23.28 0.05 -8.53
N LYS D 51 22.25 -0.73 -8.84
CA LYS D 51 21.69 -0.84 -10.17
C LYS D 51 20.19 -0.70 -10.04
N LEU D 52 19.60 0.15 -10.90
CA LEU D 52 18.16 0.41 -10.92
C LEU D 52 17.41 -0.82 -11.38
N LEU D 53 16.43 -1.21 -10.57
CA LEU D 53 15.60 -2.39 -10.78
C LEU D 53 14.20 -2.01 -11.24
N ILE D 54 13.51 -1.16 -10.45
CA ILE D 54 12.12 -0.75 -10.64
C ILE D 54 11.99 0.75 -10.49
N TYR D 55 11.10 1.36 -11.27
CA TYR D 55 10.73 2.77 -11.20
C TYR D 55 9.21 2.88 -11.31
N TRP D 56 8.61 4.04 -10.94
CA TRP D 56 7.15 4.25 -10.90
C TRP D 56 6.48 3.15 -10.05
N ALA D 57 7.20 2.64 -9.03
CA ALA D 57 6.82 1.59 -8.08
C ALA D 57 6.63 0.20 -8.67
N SER D 58 6.25 0.08 -9.98
CA SER D 58 5.95 -1.21 -10.63
C SER D 58 6.64 -1.52 -11.95
N THR D 59 7.24 -0.53 -12.60
CA THR D 59 7.85 -0.81 -13.90
C THR D 59 9.33 -1.19 -13.86
N ARG D 60 9.64 -2.38 -14.40
CA ARG D 60 11.00 -2.94 -14.47
C ARG D 60 11.87 -2.17 -15.43
N GLU D 61 13.14 -2.04 -15.08
CA GLU D 61 14.13 -1.38 -15.94
C GLU D 61 14.51 -2.38 -17.06
N SER D 62 15.05 -1.86 -18.17
CA SER D 62 15.51 -2.62 -19.33
C SER D 62 16.62 -3.55 -18.86
N GLY D 63 16.41 -4.81 -19.12
CA GLY D 63 17.33 -5.88 -18.77
C GLY D 63 17.08 -6.55 -17.42
N VAL D 64 15.98 -6.17 -16.74
CA VAL D 64 15.63 -6.72 -15.43
C VAL D 64 14.79 -8.01 -15.49
N PRO D 65 15.30 -9.12 -14.90
CA PRO D 65 14.55 -10.39 -14.90
C PRO D 65 13.11 -10.29 -14.40
N ASP D 66 12.22 -11.03 -15.08
CA ASP D 66 10.77 -11.13 -14.84
C ASP D 66 10.38 -11.51 -13.42
N ARG D 67 11.28 -12.21 -12.69
CA ARG D 67 11.05 -12.63 -11.31
C ARG D 67 10.91 -11.47 -10.33
N PHE D 68 11.46 -10.29 -10.69
CA PHE D 68 11.40 -9.07 -9.89
C PHE D 68 10.12 -8.33 -10.15
N THR D 69 9.34 -8.09 -9.09
CA THR D 69 8.04 -7.42 -9.17
C THR D 69 7.86 -6.41 -8.04
N GLY D 70 7.49 -5.19 -8.42
CA GLY D 70 7.26 -4.10 -7.49
C GLY D 70 5.79 -3.78 -7.44
N SER D 71 5.27 -3.55 -6.24
CA SER D 71 3.86 -3.21 -6.06
C SER D 71 3.68 -2.22 -4.93
N GLY D 72 2.44 -1.81 -4.73
CA GLY D 72 2.07 -0.87 -3.68
C GLY D 72 1.78 0.51 -4.23
N SER D 73 1.19 1.37 -3.39
CA SER D 73 0.84 2.75 -3.74
C SER D 73 0.82 3.62 -2.51
N GLY D 74 1.01 4.91 -2.73
CA GLY D 74 0.98 5.95 -1.70
C GLY D 74 2.16 5.91 -0.77
N THR D 75 2.06 5.10 0.30
CA THR D 75 3.11 5.00 1.32
C THR D 75 3.65 3.60 1.50
N ASP D 76 2.88 2.55 1.13
CA ASP D 76 3.30 1.16 1.31
C ASP D 76 3.62 0.51 0.01
N PHE D 77 4.86 0.01 -0.11
CA PHE D 77 5.40 -0.62 -1.31
C PHE D 77 6.13 -1.89 -0.94
N THR D 78 6.21 -2.80 -1.91
CA THR D 78 6.93 -4.07 -1.75
C THR D 78 7.71 -4.40 -2.99
N LEU D 79 8.81 -5.13 -2.80
CA LEU D 79 9.60 -5.70 -3.88
C LEU D 79 9.52 -7.21 -3.67
N THR D 80 9.10 -7.91 -4.72
CA THR D 80 8.92 -9.35 -4.69
C THR D 80 9.84 -10.03 -5.69
N ILE D 81 10.55 -11.05 -5.21
CA ILE D 81 11.37 -11.93 -6.04
C ILE D 81 10.67 -13.27 -5.94
N SER D 82 10.13 -13.74 -7.06
CA SER D 82 9.45 -15.03 -7.15
C SER D 82 9.96 -15.64 -8.45
N SER D 83 10.96 -16.57 -8.42
CA SER D 83 11.62 -17.26 -7.31
C SER D 83 13.10 -16.88 -7.19
N VAL D 84 13.67 -16.94 -5.98
CA VAL D 84 15.06 -16.56 -5.71
C VAL D 84 16.16 -17.39 -6.38
N GLN D 85 17.23 -16.71 -6.79
CA GLN D 85 18.45 -17.29 -7.37
C GLN D 85 19.58 -16.83 -6.46
N THR D 86 20.67 -17.60 -6.38
CA THR D 86 21.84 -17.28 -5.54
C THR D 86 22.48 -15.95 -5.96
N GLU D 87 22.31 -15.58 -7.24
CA GLU D 87 22.80 -14.34 -7.89
C GLU D 87 22.08 -13.11 -7.33
N ASP D 88 20.86 -13.31 -6.80
CA ASP D 88 20.02 -12.27 -6.24
C ASP D 88 20.47 -11.84 -4.84
N LEU D 89 21.60 -12.43 -4.34
CA LEU D 89 22.21 -12.07 -3.06
C LEU D 89 22.70 -10.63 -3.22
N ALA D 90 22.05 -9.70 -2.49
CA ALA D 90 22.33 -8.27 -2.55
C ALA D 90 21.59 -7.55 -1.45
N VAL D 91 21.84 -6.23 -1.34
CA VAL D 91 21.11 -5.31 -0.47
C VAL D 91 20.20 -4.53 -1.41
N TYR D 92 18.90 -4.54 -1.11
CA TYR D 92 17.87 -3.88 -1.90
C TYR D 92 17.43 -2.61 -1.19
N TYR D 93 17.54 -1.44 -1.87
CA TYR D 93 17.15 -0.14 -1.29
C TYR D 93 15.97 0.44 -2.04
N CYS D 94 15.08 1.15 -1.33
CA CYS D 94 14.00 1.89 -1.98
C CYS D 94 14.34 3.37 -1.95
N HIS D 95 13.84 4.10 -2.94
CA HIS D 95 14.16 5.50 -3.11
C HIS D 95 12.95 6.28 -3.57
N GLN D 96 12.71 7.44 -2.95
CA GLN D 96 11.66 8.32 -3.43
C GLN D 96 12.30 9.46 -4.22
N TYR D 97 11.75 9.74 -5.40
CA TYR D 97 12.24 10.81 -6.26
C TYR D 97 11.09 11.77 -6.61
N LEU D 98 10.18 11.98 -5.65
CA LEU D 98 9.08 12.92 -5.83
C LEU D 98 9.72 14.28 -5.64
N SER D 99 10.35 14.49 -4.46
CA SER D 99 11.04 15.71 -4.05
C SER D 99 12.11 16.22 -5.03
N SER D 100 13.19 15.43 -5.26
CA SER D 100 14.31 15.81 -6.15
C SER D 100 15.11 17.02 -5.62
N TYR D 101 14.53 17.75 -4.66
CA TYR D 101 15.13 18.87 -3.96
C TYR D 101 15.71 18.34 -2.65
N MET D 102 15.28 17.11 -2.26
CA MET D 102 15.75 16.32 -1.14
C MET D 102 15.38 14.84 -1.32
N TYR D 103 16.16 14.14 -2.18
CA TYR D 103 16.03 12.71 -2.48
C TYR D 103 16.34 11.92 -1.21
N THR D 104 15.58 10.86 -0.96
CA THR D 104 15.86 9.99 0.19
C THR D 104 15.86 8.53 -0.24
N PHE D 105 16.59 7.72 0.55
CA PHE D 105 16.76 6.29 0.38
C PHE D 105 16.36 5.57 1.65
N GLY D 106 15.90 4.34 1.50
CA GLY D 106 15.60 3.47 2.62
C GLY D 106 16.91 2.91 3.14
N GLY D 107 16.90 2.36 4.35
CA GLY D 107 18.07 1.76 4.98
C GLY D 107 18.62 0.51 4.31
N GLY D 108 17.79 -0.11 3.46
CA GLY D 108 18.11 -1.31 2.71
C GLY D 108 17.77 -2.62 3.40
N THR D 109 17.34 -3.63 2.62
CA THR D 109 17.09 -4.97 3.15
C THR D 109 18.15 -5.92 2.58
N LYS D 110 18.89 -6.60 3.47
CA LYS D 110 19.97 -7.51 3.08
C LYS D 110 19.41 -8.90 2.80
N LEU D 111 19.47 -9.33 1.53
CA LEU D 111 18.99 -10.65 1.18
C LEU D 111 20.13 -11.66 1.23
N GLU D 112 20.04 -12.62 2.18
CA GLU D 112 21.01 -13.70 2.36
C GLU D 112 20.45 -15.05 1.90
N ILE D 113 21.34 -15.96 1.46
CA ILE D 113 20.93 -17.26 0.96
C ILE D 113 20.95 -18.33 2.06
N LYS D 114 19.83 -19.06 2.19
CA LYS D 114 19.70 -20.19 3.12
C LYS D 114 20.29 -21.42 2.46
N ARG D 115 21.11 -22.16 3.21
CA ARG D 115 21.73 -23.36 2.70
C ARG D 115 21.84 -24.43 3.70
N ALA D 116 22.23 -25.58 3.13
CA ALA D 116 22.46 -26.76 3.92
C ALA D 116 23.60 -26.44 4.82
N ASP D 117 23.43 -26.80 6.09
CA ASP D 117 24.40 -26.58 7.14
C ASP D 117 25.74 -27.20 6.79
N ALA D 118 26.80 -26.47 7.11
CA ALA D 118 28.14 -26.91 6.79
C ALA D 118 29.04 -26.58 7.94
N ALA D 119 29.90 -27.53 8.29
CA ALA D 119 30.82 -27.40 9.41
C ALA D 119 32.06 -26.64 8.97
N PRO D 120 32.72 -25.91 9.88
CA PRO D 120 33.92 -25.18 9.49
C PRO D 120 35.14 -26.08 9.37
N THR D 121 36.07 -25.65 8.53
CA THR D 121 37.37 -26.26 8.32
C THR D 121 38.30 -25.35 9.11
N VAL D 122 38.80 -25.84 10.24
CA VAL D 122 39.63 -25.07 11.16
C VAL D 122 41.12 -25.28 10.93
N SER D 123 41.88 -24.18 11.00
CA SER D 123 43.32 -24.12 10.78
C SER D 123 43.90 -23.15 11.79
N ILE D 124 44.98 -23.55 12.49
CA ILE D 124 45.68 -22.73 13.47
C ILE D 124 47.05 -22.31 12.95
N PHE D 125 47.49 -21.08 13.25
CA PHE D 125 48.77 -20.55 12.79
C PHE D 125 49.54 -19.89 13.90
N PRO D 126 50.77 -20.38 14.16
CA PRO D 126 51.61 -19.77 15.19
C PRO D 126 52.16 -18.42 14.72
N PRO D 127 52.63 -17.53 15.63
CA PRO D 127 53.22 -16.25 15.18
C PRO D 127 54.42 -16.47 14.26
N SER D 128 54.52 -15.63 13.22
CA SER D 128 55.62 -15.70 12.26
C SER D 128 56.92 -15.19 12.90
N SER D 129 58.06 -15.68 12.36
CA SER D 129 59.41 -15.34 12.79
C SER D 129 59.57 -13.80 12.86
N GLU D 130 59.26 -13.12 11.75
CA GLU D 130 59.30 -11.66 11.59
C GLU D 130 58.41 -10.90 12.56
N GLN D 131 57.28 -11.50 12.99
CA GLN D 131 56.40 -10.85 13.94
C GLN D 131 57.00 -10.86 15.34
N LEU D 132 57.52 -12.02 15.77
CA LEU D 132 58.18 -12.19 17.06
C LEU D 132 59.38 -11.25 17.16
N THR D 133 60.14 -11.13 16.03
CA THR D 133 61.27 -10.22 15.80
C THR D 133 60.93 -8.78 16.24
N SER D 134 59.68 -8.31 15.96
CA SER D 134 59.20 -6.97 16.31
C SER D 134 58.62 -6.79 17.74
N GLY D 135 58.47 -7.89 18.49
CA GLY D 135 57.98 -7.84 19.87
C GLY D 135 56.53 -8.25 20.10
N GLY D 136 55.84 -8.63 19.03
CA GLY D 136 54.45 -9.07 19.09
C GLY D 136 54.27 -10.52 18.70
N ALA D 137 53.13 -11.11 19.08
CA ALA D 137 52.83 -12.51 18.75
C ALA D 137 51.33 -12.74 18.59
N SER D 138 50.91 -12.89 17.34
CA SER D 138 49.51 -13.14 17.01
C SER D 138 49.29 -14.57 16.56
N VAL D 139 48.35 -15.24 17.20
CA VAL D 139 47.98 -16.60 16.85
C VAL D 139 46.68 -16.48 16.07
N VAL D 140 46.60 -17.11 14.90
CA VAL D 140 45.42 -16.98 14.04
C VAL D 140 44.70 -18.30 13.86
N CYS D 141 43.36 -18.24 13.83
CA CYS D 141 42.50 -19.37 13.55
C CYS D 141 41.54 -19.01 12.45
N PHE D 142 41.55 -19.77 11.37
CA PHE D 142 40.63 -19.58 10.27
C PHE D 142 39.57 -20.66 10.40
N LEU D 143 38.31 -20.27 10.35
CA LEU D 143 37.15 -21.14 10.44
C LEU D 143 36.52 -20.91 9.06
N ASN D 144 36.83 -21.79 8.11
CA ASN D 144 36.36 -21.58 6.73
C ASN D 144 35.19 -22.41 6.28
N ASN D 145 34.38 -21.81 5.41
CA ASN D 145 33.23 -22.38 4.74
C ASN D 145 32.18 -23.07 5.60
N PHE D 146 31.60 -22.30 6.52
CA PHE D 146 30.56 -22.87 7.37
C PHE D 146 29.19 -22.32 7.07
N TYR D 147 28.15 -22.89 7.71
CA TYR D 147 26.76 -22.46 7.53
C TYR D 147 25.86 -23.02 8.64
N PRO D 148 25.06 -22.19 9.36
CA PRO D 148 24.94 -20.73 9.29
C PRO D 148 26.14 -19.95 9.84
N LYS D 149 26.00 -18.61 9.91
CA LYS D 149 27.00 -17.64 10.35
C LYS D 149 27.34 -17.75 11.84
N ASP D 150 26.39 -18.23 12.66
CA ASP D 150 26.56 -18.34 14.11
C ASP D 150 27.62 -19.37 14.46
N ILE D 151 28.70 -18.90 15.08
CA ILE D 151 29.85 -19.71 15.48
C ILE D 151 30.51 -19.13 16.72
N ASN D 152 31.07 -19.99 17.56
CA ASN D 152 31.79 -19.58 18.75
C ASN D 152 33.24 -20.07 18.72
N VAL D 153 34.16 -19.20 19.12
CA VAL D 153 35.59 -19.52 19.19
C VAL D 153 36.10 -19.20 20.59
N LYS D 154 36.68 -20.20 21.25
CA LYS D 154 37.35 -20.02 22.53
C LYS D 154 38.81 -20.37 22.36
N TRP D 155 39.68 -19.55 22.93
CA TRP D 155 41.13 -19.73 22.87
C TRP D 155 41.60 -20.26 24.21
N LYS D 156 42.41 -21.32 24.19
CA LYS D 156 42.98 -21.90 25.41
C LYS D 156 44.50 -21.90 25.37
N ILE D 157 45.09 -21.29 26.40
CA ILE D 157 46.53 -21.21 26.58
C ILE D 157 46.85 -22.08 27.79
N ASP D 158 47.46 -23.25 27.54
CA ASP D 158 47.84 -24.26 28.56
C ASP D 158 46.63 -24.73 29.41
N GLY D 159 45.51 -25.00 28.72
CA GLY D 159 44.26 -25.46 29.34
C GLY D 159 43.32 -24.36 29.82
N SER D 160 43.86 -23.16 30.10
CA SER D 160 43.08 -22.01 30.57
C SER D 160 42.54 -21.14 29.44
N GLU D 161 41.23 -20.86 29.47
CA GLU D 161 40.56 -20.01 28.49
C GLU D 161 41.01 -18.55 28.69
N ARG D 162 41.38 -17.89 27.59
CA ARG D 162 41.82 -16.50 27.53
C ARG D 162 40.71 -15.64 26.91
N GLN D 163 40.49 -14.41 27.45
CA GLN D 163 39.48 -13.47 26.92
C GLN D 163 40.00 -12.04 26.70
N ASN D 164 41.34 -11.89 26.57
CA ASN D 164 42.00 -10.61 26.35
C ASN D 164 42.76 -10.64 25.02
N GLY D 165 42.54 -9.61 24.19
CA GLY D 165 43.21 -9.42 22.92
C GLY D 165 42.83 -10.40 21.83
N VAL D 166 41.52 -10.59 21.63
CA VAL D 166 40.96 -11.48 20.61
C VAL D 166 40.00 -10.73 19.68
N LEU D 167 40.32 -10.69 18.39
CA LEU D 167 39.44 -10.03 17.42
C LEU D 167 38.94 -11.00 16.36
N ASN D 168 37.62 -11.03 16.17
CA ASN D 168 36.96 -11.93 15.24
C ASN D 168 36.35 -11.19 14.09
N SER D 169 36.60 -11.68 12.87
CA SER D 169 36.12 -11.06 11.65
C SER D 169 35.45 -12.08 10.74
N TRP D 170 34.20 -11.81 10.34
CA TRP D 170 33.44 -12.65 9.42
C TRP D 170 33.53 -12.11 8.02
N THR D 171 33.59 -13.02 7.07
CA THR D 171 33.54 -12.75 5.65
C THR D 171 32.02 -12.62 5.34
N ASP D 172 31.65 -12.04 4.19
CA ASP D 172 30.23 -11.98 3.82
C ASP D 172 29.93 -13.31 3.12
N GLN D 173 28.66 -13.67 2.93
CA GLN D 173 28.32 -14.92 2.25
C GLN D 173 29.11 -15.11 0.95
N ASP D 174 29.55 -16.35 0.67
CA ASP D 174 30.31 -16.67 -0.53
C ASP D 174 29.45 -16.61 -1.79
N SER D 175 30.00 -16.10 -2.89
CA SER D 175 29.28 -15.94 -4.16
C SER D 175 29.07 -17.30 -4.77
N LYS D 176 30.09 -18.15 -4.67
CA LYS D 176 30.09 -19.50 -5.19
C LYS D 176 29.26 -20.48 -4.34
N ASP D 177 29.72 -20.84 -3.12
CA ASP D 177 29.03 -21.82 -2.26
C ASP D 177 28.04 -21.32 -1.20
N SER D 178 27.77 -20.00 -1.13
CA SER D 178 26.85 -19.37 -0.15
C SER D 178 27.22 -19.61 1.35
N THR D 179 28.49 -19.91 1.66
CA THR D 179 28.95 -20.15 3.04
C THR D 179 29.69 -18.95 3.59
N TYR D 180 29.94 -18.96 4.92
CA TYR D 180 30.66 -17.92 5.64
C TYR D 180 32.03 -18.44 6.09
N SER D 181 32.96 -17.53 6.38
CA SER D 181 34.29 -17.81 6.89
C SER D 181 34.57 -16.80 7.98
N MET D 182 35.43 -17.15 8.92
CA MET D 182 35.74 -16.29 10.04
C MET D 182 37.18 -16.47 10.45
N SER D 183 37.82 -15.38 10.84
CA SER D 183 39.19 -15.35 11.29
C SER D 183 39.23 -14.82 12.72
N SER D 184 39.85 -15.59 13.64
CA SER D 184 40.03 -15.27 15.05
C SER D 184 41.51 -15.04 15.27
N THR D 185 41.85 -13.92 15.89
CA THR D 185 43.25 -13.57 16.10
C THR D 185 43.50 -13.21 17.54
N LEU D 186 44.34 -14.04 18.20
CA LEU D 186 44.78 -13.85 19.59
C LEU D 186 46.09 -13.05 19.53
N THR D 187 46.12 -11.85 20.10
CA THR D 187 47.33 -11.02 20.09
C THR D 187 47.94 -10.88 21.47
N LEU D 188 49.19 -11.34 21.58
CA LEU D 188 50.00 -11.31 22.79
C LEU D 188 51.32 -10.65 22.46
N THR D 189 52.10 -10.28 23.49
CA THR D 189 53.45 -9.75 23.34
C THR D 189 54.35 -10.99 23.17
N LYS D 190 55.59 -10.84 22.68
CA LYS D 190 56.52 -11.95 22.49
C LYS D 190 56.78 -12.65 23.84
N ASP D 191 56.91 -11.86 24.92
CA ASP D 191 57.14 -12.30 26.29
C ASP D 191 56.00 -13.12 26.86
N GLU D 192 54.75 -12.62 26.73
CA GLU D 192 53.52 -13.31 27.16
C GLU D 192 53.36 -14.63 26.40
N TYR D 193 53.76 -14.64 25.11
CA TYR D 193 53.72 -15.82 24.25
C TYR D 193 54.75 -16.88 24.67
N GLU D 194 55.98 -16.44 24.97
CA GLU D 194 57.09 -17.32 25.36
C GLU D 194 56.91 -17.97 26.73
N ARG D 195 56.07 -17.36 27.61
CA ARG D 195 55.74 -17.86 28.95
C ARG D 195 54.90 -19.15 28.94
N HIS D 196 54.26 -19.47 27.81
CA HIS D 196 53.39 -20.64 27.69
C HIS D 196 53.80 -21.57 26.55
N ASN D 197 53.15 -22.74 26.43
CA ASN D 197 53.53 -23.70 25.39
C ASN D 197 52.38 -24.16 24.48
N SER D 198 51.26 -24.58 25.09
CA SER D 198 50.11 -25.07 24.35
C SER D 198 49.12 -23.98 23.98
N TYR D 199 48.83 -23.84 22.68
CA TYR D 199 47.89 -22.86 22.15
C TYR D 199 46.83 -23.58 21.39
N THR D 200 45.59 -23.42 21.84
CA THR D 200 44.46 -24.13 21.26
C THR D 200 43.33 -23.18 20.92
N CYS D 201 42.63 -23.48 19.85
CA CYS D 201 41.45 -22.73 19.48
C CYS D 201 40.32 -23.73 19.24
N GLU D 202 39.20 -23.52 19.93
CA GLU D 202 38.06 -24.43 19.87
C GLU D 202 36.89 -23.75 19.24
N ALA D 203 36.35 -24.38 18.21
CA ALA D 203 35.22 -23.88 17.44
C ALA D 203 33.95 -24.65 17.77
N THR D 204 32.87 -23.94 18.13
CA THR D 204 31.57 -24.55 18.37
C THR D 204 30.56 -24.06 17.35
N HIS D 205 30.04 -25.00 16.56
CA HIS D 205 29.08 -24.73 15.51
C HIS D 205 27.89 -25.67 15.62
N LYS D 206 26.72 -25.24 15.16
CA LYS D 206 25.43 -25.95 15.12
C LYS D 206 25.54 -27.40 14.60
N THR D 207 26.49 -27.63 13.67
CA THR D 207 26.77 -28.89 12.98
C THR D 207 27.24 -30.05 13.87
N SER D 208 27.90 -29.74 15.00
CA SER D 208 28.35 -30.77 15.94
C SER D 208 28.28 -30.31 17.37
N THR D 209 27.89 -31.22 18.27
CA THR D 209 27.82 -30.95 19.70
C THR D 209 29.23 -30.95 20.32
N SER D 210 30.23 -31.48 19.57
CA SER D 210 31.62 -31.53 19.98
C SER D 210 32.43 -30.41 19.31
N PRO D 211 33.24 -29.63 20.06
CA PRO D 211 34.01 -28.55 19.43
C PRO D 211 35.08 -29.05 18.47
N ILE D 212 35.37 -28.26 17.42
CA ILE D 212 36.46 -28.56 16.49
C ILE D 212 37.67 -27.91 17.14
N VAL D 213 38.65 -28.73 17.48
CA VAL D 213 39.83 -28.30 18.21
C VAL D 213 41.08 -28.39 17.35
N LYS D 214 41.88 -27.31 17.33
CA LYS D 214 43.16 -27.23 16.64
C LYS D 214 44.15 -26.60 17.59
N SER D 215 45.34 -27.18 17.67
CA SER D 215 46.35 -26.69 18.60
C SER D 215 47.75 -26.83 18.09
N PHE D 216 48.70 -26.22 18.80
CA PHE D 216 50.13 -26.33 18.55
C PHE D 216 50.89 -26.12 19.84
N ASN D 217 52.09 -26.69 19.90
CA ASN D 217 53.01 -26.58 21.02
C ASN D 217 54.32 -26.01 20.49
N ARG D 218 54.97 -25.12 21.26
CA ARG D 218 56.25 -24.53 20.88
C ARG D 218 57.40 -25.55 21.14
N ASN D 219 57.51 -26.55 20.25
CA ASN D 219 58.47 -27.65 20.27
C ASN D 219 58.45 -28.37 18.92
N CYS E 4 2.94 10.83 -41.31
CA CYS E 4 2.94 12.10 -40.60
C CYS E 4 3.25 11.94 -39.10
N LEU E 5 3.79 13.01 -38.49
CA LEU E 5 4.12 13.10 -37.07
C LEU E 5 2.85 13.17 -36.17
N GLY E 6 2.15 14.32 -36.17
CA GLY E 6 0.94 14.53 -35.38
C GLY E 6 -0.22 13.62 -35.76
N TRP E 7 -0.99 13.11 -34.79
CA TRP E 7 -2.07 12.16 -35.12
C TRP E 7 -3.33 12.23 -34.24
N LEU E 8 -4.44 11.62 -34.74
CA LEU E 8 -5.75 11.53 -34.09
C LEU E 8 -5.81 10.37 -33.06
N TRP E 9 -4.72 9.58 -32.96
CA TRP E 9 -4.53 8.43 -32.05
C TRP E 9 -4.55 8.88 -30.59
N GLY E 10 -5.00 7.99 -29.70
CA GLY E 10 -5.06 8.22 -28.25
C GLY E 10 -3.68 8.39 -27.67
N MET E 11 -2.83 7.35 -27.86
CA MET E 11 -1.44 7.33 -27.45
C MET E 11 -0.58 7.00 -28.69
N ASP E 12 -0.26 8.07 -29.45
CA ASP E 12 0.50 8.05 -30.70
C ASP E 12 1.93 7.55 -30.55
N ILE E 13 2.35 6.61 -31.44
CA ILE E 13 3.69 6.00 -31.44
C ILE E 13 4.81 6.97 -31.86
N ASP E 14 5.79 7.16 -30.95
CA ASP E 14 6.97 8.05 -31.09
C ASP E 14 6.64 9.54 -31.40
N PRO E 15 6.01 10.31 -30.46
CA PRO E 15 5.68 11.71 -30.79
C PRO E 15 6.83 12.71 -30.67
N TYR E 16 7.73 12.52 -29.68
CA TYR E 16 8.89 13.39 -29.40
C TYR E 16 10.20 12.59 -29.21
N LYS E 17 10.10 11.24 -29.12
CA LYS E 17 11.19 10.27 -28.92
C LYS E 17 12.47 10.59 -29.70
N GLU E 18 12.35 10.90 -31.00
CA GLU E 18 13.48 11.22 -31.88
C GLU E 18 14.24 12.48 -31.46
N PHE E 19 13.60 13.34 -30.65
CA PHE E 19 14.19 14.60 -30.20
C PHE E 19 14.48 14.64 -28.68
N GLY E 20 14.63 13.47 -28.08
CA GLY E 20 14.97 13.30 -26.67
C GLY E 20 13.79 13.05 -25.76
N ALA E 21 12.97 14.10 -25.54
CA ALA E 21 11.78 14.10 -24.69
C ALA E 21 10.65 13.16 -25.16
N THR E 22 9.57 13.07 -24.35
CA THR E 22 8.36 12.27 -24.58
C THR E 22 7.17 13.08 -24.07
N VAL E 23 5.94 12.72 -24.49
CA VAL E 23 4.71 13.39 -24.05
C VAL E 23 4.48 13.32 -22.51
N GLU E 24 5.01 12.26 -21.86
CA GLU E 24 4.93 12.02 -20.40
C GLU E 24 5.79 13.03 -19.61
N LEU E 25 6.39 14.00 -20.32
CA LEU E 25 7.26 15.05 -19.80
C LEU E 25 6.69 16.44 -20.13
N LEU E 26 6.20 16.63 -21.37
CA LEU E 26 5.61 17.89 -21.84
C LEU E 26 4.26 18.18 -21.16
N SER E 27 3.57 17.10 -20.72
CA SER E 27 2.28 17.12 -20.03
C SER E 27 2.32 17.97 -18.76
N PHE E 28 3.49 18.02 -18.09
CA PHE E 28 3.74 18.78 -16.87
C PHE E 28 3.55 20.28 -17.06
N LEU E 29 3.83 20.80 -18.27
CA LEU E 29 3.69 22.22 -18.55
C LEU E 29 2.21 22.64 -18.69
N PRO E 30 1.79 23.79 -18.10
CA PRO E 30 0.39 24.21 -18.20
C PRO E 30 -0.07 24.56 -19.61
N SER E 31 -1.40 24.47 -19.86
CA SER E 31 -2.02 24.74 -21.17
C SER E 31 -1.97 26.21 -21.59
N ASP E 32 -2.06 27.14 -20.63
CA ASP E 32 -2.02 28.59 -20.88
C ASP E 32 -0.61 29.12 -21.22
N PHE E 33 0.43 28.31 -20.94
CA PHE E 33 1.85 28.61 -21.21
C PHE E 33 2.09 28.79 -22.72
N PHE E 34 1.50 27.90 -23.54
CA PHE E 34 1.65 27.91 -24.99
C PHE E 34 0.83 29.06 -25.62
N PRO E 35 1.40 29.82 -26.59
CA PRO E 35 0.64 30.93 -27.20
C PRO E 35 -0.39 30.50 -28.24
N SER E 36 -0.96 31.47 -29.00
CA SER E 36 -1.95 31.25 -30.05
C SER E 36 -1.39 30.41 -31.20
N VAL E 37 -2.18 29.41 -31.66
CA VAL E 37 -1.84 28.46 -32.72
C VAL E 37 -1.36 29.13 -34.01
N ARG E 38 -2.03 30.23 -34.42
CA ARG E 38 -1.67 31.01 -35.62
C ARG E 38 -0.25 31.58 -35.48
N ASP E 39 0.08 32.21 -34.32
CA ASP E 39 1.41 32.78 -34.04
C ASP E 39 2.49 31.69 -33.97
N LEU E 40 2.13 30.50 -33.43
CA LEU E 40 3.01 29.33 -33.32
C LEU E 40 3.42 28.83 -34.70
N LEU E 41 2.46 28.72 -35.63
CA LEU E 41 2.67 28.26 -37.00
C LEU E 41 3.33 29.30 -37.90
N ASP E 42 3.00 30.61 -37.68
CA ASP E 42 3.56 31.73 -38.44
C ASP E 42 5.06 31.89 -38.18
N THR E 43 5.47 31.82 -36.90
CA THR E 43 6.88 31.91 -36.50
C THR E 43 7.63 30.60 -36.80
N ALA E 44 6.88 29.48 -36.95
CA ALA E 44 7.41 28.16 -37.30
C ALA E 44 7.88 28.16 -38.76
N ALA E 45 6.98 28.54 -39.69
CA ALA E 45 7.25 28.63 -41.12
C ALA E 45 8.27 29.74 -41.44
N ALA E 46 8.45 30.71 -40.52
CA ALA E 46 9.38 31.84 -40.63
C ALA E 46 10.83 31.37 -40.65
N LEU E 47 11.20 30.47 -39.71
CA LEU E 47 12.55 29.92 -39.60
C LEU E 47 12.80 28.74 -40.52
N TYR E 48 11.75 27.93 -40.78
CA TYR E 48 11.76 26.73 -41.63
C TYR E 48 12.29 26.95 -43.05
N ARG E 49 11.87 28.05 -43.70
CA ARG E 49 12.25 28.40 -45.06
C ARG E 49 13.68 28.93 -45.24
N ASP E 50 14.10 29.90 -44.40
CA ASP E 50 15.40 30.56 -44.48
C ASP E 50 16.60 29.82 -43.84
N ALA E 51 16.36 28.71 -43.13
CA ALA E 51 17.44 27.96 -42.49
C ALA E 51 17.95 26.74 -43.29
N LEU E 52 17.04 25.85 -43.75
CA LEU E 52 17.40 24.66 -44.56
C LEU E 52 18.14 25.11 -45.81
N GLU E 53 17.69 26.23 -46.38
CA GLU E 53 18.28 26.95 -47.50
C GLU E 53 18.34 28.41 -47.03
N SER E 54 19.54 28.95 -46.73
CA SER E 54 20.83 28.31 -46.96
C SER E 54 21.47 27.58 -45.76
N PRO E 55 22.09 26.39 -46.00
CA PRO E 55 22.77 25.68 -44.92
C PRO E 55 24.26 26.09 -44.80
N GLU E 56 25.11 25.53 -43.89
CA GLU E 56 24.86 24.47 -42.90
C GLU E 56 24.06 24.93 -41.69
N HIS E 57 22.74 24.65 -41.72
CA HIS E 57 21.74 24.95 -40.69
C HIS E 57 20.63 23.89 -40.74
N ALA E 58 20.81 22.85 -41.58
CA ALA E 58 19.87 21.75 -41.77
C ALA E 58 19.70 20.92 -40.49
N SER E 59 18.78 21.36 -39.63
CA SER E 59 18.48 20.71 -38.35
C SER E 59 17.19 19.89 -38.46
N PRO E 60 17.14 18.66 -37.88
CA PRO E 60 15.91 17.86 -37.95
C PRO E 60 14.69 18.44 -37.24
N HIS E 61 14.88 19.57 -36.50
CA HIS E 61 13.80 20.26 -35.79
C HIS E 61 12.86 20.96 -36.79
N HIS E 62 13.39 21.92 -37.60
CA HIS E 62 12.57 22.59 -38.62
C HIS E 62 12.28 21.70 -39.82
N THR E 63 13.06 20.61 -39.98
CA THR E 63 12.88 19.60 -41.02
C THR E 63 11.64 18.76 -40.66
N ALA E 64 11.47 18.44 -39.35
CA ALA E 64 10.31 17.69 -38.87
C ALA E 64 9.06 18.59 -38.82
N LEU E 65 9.27 19.93 -38.68
CA LEU E 65 8.20 20.94 -38.65
C LEU E 65 7.35 20.93 -39.92
N ARG E 66 7.98 20.56 -41.07
CA ARG E 66 7.33 20.43 -42.38
C ARG E 66 6.31 19.29 -42.34
N GLN E 67 6.60 18.23 -41.57
CA GLN E 67 5.72 17.07 -41.39
C GLN E 67 4.67 17.35 -40.30
N ALA E 68 4.79 18.50 -39.62
CA ALA E 68 3.88 18.93 -38.57
C ALA E 68 2.89 19.99 -39.08
N ILE E 69 3.40 21.06 -39.76
CA ILE E 69 2.57 22.14 -40.32
C ILE E 69 1.66 21.60 -41.44
N LEU E 70 2.20 20.72 -42.32
CA LEU E 70 1.44 20.09 -43.42
C LEU E 70 0.42 19.09 -42.88
N CYS E 71 0.72 18.45 -41.73
CA CYS E 71 -0.21 17.51 -41.09
C CYS E 71 -1.32 18.28 -40.38
N TRP E 72 -1.05 19.54 -40.00
CA TRP E 72 -2.05 20.42 -39.40
C TRP E 72 -2.98 20.92 -40.53
N GLY E 73 -2.41 21.06 -41.73
CA GLY E 73 -3.13 21.42 -42.95
C GLY E 73 -3.98 20.25 -43.42
N ASP E 74 -3.48 19.01 -43.18
CA ASP E 74 -4.15 17.74 -43.49
C ASP E 74 -5.36 17.51 -42.54
N LEU E 75 -5.50 18.36 -41.51
CA LEU E 75 -6.59 18.33 -40.52
C LEU E 75 -7.60 19.44 -40.83
N MET E 76 -7.10 20.64 -41.24
CA MET E 76 -7.92 21.80 -41.58
C MET E 76 -8.79 21.55 -42.82
N THR E 77 -8.29 20.70 -43.73
CA THR E 77 -8.97 20.28 -44.96
C THR E 77 -9.93 19.13 -44.59
N LEU E 78 -9.53 18.27 -43.62
CA LEU E 78 -10.30 17.12 -43.14
C LEU E 78 -11.52 17.48 -42.30
N ALA E 79 -11.36 18.42 -41.32
CA ALA E 79 -12.41 18.87 -40.40
C ALA E 79 -13.64 19.48 -41.07
N THR E 80 -13.43 20.28 -42.13
CA THR E 80 -14.51 20.94 -42.89
C THR E 80 -15.34 19.92 -43.67
N TRP E 81 -14.70 18.85 -44.17
CA TRP E 81 -15.33 17.76 -44.92
C TRP E 81 -16.15 16.81 -44.03
N VAL E 82 -15.68 16.55 -42.79
CA VAL E 82 -16.33 15.66 -41.81
C VAL E 82 -17.63 16.30 -41.26
N GLY E 83 -17.59 17.60 -40.97
CA GLY E 83 -18.74 18.35 -40.46
C GLY E 83 -19.82 18.67 -41.49
N THR E 84 -19.89 17.87 -42.58
CA THR E 84 -20.85 18.01 -43.69
C THR E 84 -21.39 16.64 -44.15
N ASN E 85 -20.47 15.71 -44.50
CA ASN E 85 -20.75 14.36 -45.01
C ASN E 85 -21.60 13.42 -44.13
N LEU E 86 -21.77 13.75 -42.83
CA LEU E 86 -22.55 12.93 -41.89
C LEU E 86 -23.77 13.70 -41.33
N GLU E 87 -24.16 13.44 -40.07
CA GLU E 87 -25.28 14.09 -39.38
C GLU E 87 -24.86 15.45 -38.78
N ASP E 88 -25.80 16.18 -38.15
CA ASP E 88 -25.53 17.48 -37.51
C ASP E 88 -25.26 17.38 -35.99
N PRO E 89 -26.16 16.85 -35.11
CA PRO E 89 -25.83 16.79 -33.67
C PRO E 89 -24.86 15.64 -33.35
N ALA E 90 -23.74 15.96 -32.65
CA ALA E 90 -22.65 15.05 -32.25
C ALA E 90 -22.04 14.28 -33.46
N SER E 91 -21.92 14.99 -34.60
CA SER E 91 -21.36 14.49 -35.87
C SER E 91 -20.75 15.62 -36.72
N ARG E 92 -21.34 16.83 -36.68
CA ARG E 92 -20.86 18.01 -37.40
C ARG E 92 -20.37 19.11 -36.45
N ASP E 93 -20.98 19.21 -35.24
CA ASP E 93 -20.63 20.21 -34.23
C ASP E 93 -19.50 19.74 -33.30
N LEU E 94 -19.34 18.41 -33.13
CA LEU E 94 -18.30 17.83 -32.28
C LEU E 94 -16.92 17.74 -32.98
N VAL E 95 -16.84 18.19 -34.27
CA VAL E 95 -15.61 18.19 -35.08
C VAL E 95 -14.63 19.23 -34.54
N VAL E 96 -15.12 20.45 -34.23
CA VAL E 96 -14.34 21.55 -33.66
C VAL E 96 -14.04 21.21 -32.19
N SER E 97 -14.97 20.51 -31.52
CA SER E 97 -14.86 20.04 -30.13
C SER E 97 -13.77 18.96 -29.97
N TYR E 98 -13.46 18.23 -31.07
CA TYR E 98 -12.42 17.20 -31.08
C TYR E 98 -11.04 17.82 -31.18
N VAL E 99 -10.85 18.75 -32.15
CA VAL E 99 -9.60 19.48 -32.37
C VAL E 99 -9.35 20.42 -31.20
N ASN E 100 -10.22 21.42 -31.01
CA ASN E 100 -10.12 22.37 -29.90
C ASN E 100 -10.79 21.78 -28.66
N THR E 101 -10.04 21.54 -27.56
CA THR E 101 -8.62 21.88 -27.45
C THR E 101 -7.66 20.68 -27.30
N ASN E 102 -8.19 19.43 -27.16
CA ASN E 102 -7.38 18.22 -26.98
C ASN E 102 -6.35 17.94 -28.08
N VAL E 103 -6.80 17.85 -29.35
CA VAL E 103 -5.93 17.63 -30.51
C VAL E 103 -5.15 18.92 -30.81
N GLY E 104 -5.77 20.07 -30.52
CA GLY E 104 -5.19 21.40 -30.69
C GLY E 104 -4.01 21.64 -29.77
N LEU E 105 -4.07 21.11 -28.53
CA LEU E 105 -3.00 21.24 -27.54
C LEU E 105 -1.76 20.44 -27.95
N LYS E 106 -1.97 19.24 -28.55
CA LYS E 106 -0.88 18.37 -29.01
C LYS E 106 0.08 19.10 -29.98
N PHE E 107 -0.48 19.85 -30.94
CA PHE E 107 0.31 20.63 -31.90
C PHE E 107 0.88 21.89 -31.27
N ARG E 108 0.10 22.56 -30.39
CA ARG E 108 0.48 23.76 -29.64
C ARG E 108 1.79 23.55 -28.85
N GLN E 109 1.90 22.39 -28.16
CA GLN E 109 3.09 22.02 -27.38
C GLN E 109 4.19 21.46 -28.28
N LEU E 110 3.83 20.73 -29.37
CA LEU E 110 4.77 20.15 -30.32
C LEU E 110 5.51 21.26 -31.08
N LEU E 111 4.77 22.32 -31.49
CA LEU E 111 5.33 23.48 -32.18
C LEU E 111 6.31 24.20 -31.23
N TRP E 112 5.86 24.53 -30.00
CA TRP E 112 6.66 25.18 -28.97
C TRP E 112 7.97 24.43 -28.71
N PHE E 113 7.88 23.09 -28.57
CA PHE E 113 9.03 22.21 -28.32
C PHE E 113 10.11 22.35 -29.39
N HIS E 114 9.73 22.30 -30.67
CA HIS E 114 10.65 22.43 -31.79
C HIS E 114 11.13 23.85 -32.05
N ILE E 115 10.31 24.86 -31.69
CA ILE E 115 10.64 26.28 -31.84
C ILE E 115 11.70 26.71 -30.82
N SER E 116 11.50 26.34 -29.54
CA SER E 116 12.42 26.64 -28.44
C SER E 116 13.75 25.88 -28.59
N ALA E 117 13.72 24.72 -29.28
CA ALA E 117 14.87 23.86 -29.57
C ALA E 117 15.89 24.58 -30.45
N LEU E 118 15.40 25.47 -31.32
CA LEU E 118 16.25 26.27 -32.19
C LEU E 118 16.57 27.60 -31.52
N THR E 119 15.57 28.21 -30.83
CA THR E 119 15.67 29.48 -30.10
C THR E 119 16.71 29.40 -28.97
N PHE E 120 16.77 28.26 -28.26
CA PHE E 120 17.68 28.07 -27.14
C PHE E 120 18.63 26.91 -27.40
N GLY E 121 18.09 25.70 -27.52
CA GLY E 121 18.85 24.48 -27.75
C GLY E 121 18.08 23.26 -27.27
N ARG E 122 18.18 22.14 -28.01
CA ARG E 122 17.51 20.87 -27.67
C ARG E 122 17.73 20.51 -26.20
N GLU E 123 18.99 20.62 -25.75
CA GLU E 123 19.41 20.34 -24.38
C GLU E 123 18.81 21.35 -23.40
N THR E 124 18.72 22.63 -23.80
CA THR E 124 18.17 23.72 -22.97
C THR E 124 16.69 23.45 -22.66
N VAL E 125 15.95 22.96 -23.67
CA VAL E 125 14.52 22.63 -23.60
C VAL E 125 14.37 21.39 -22.73
N LEU E 126 15.09 20.30 -23.08
CA LEU E 126 15.08 19.05 -22.35
C LEU E 126 15.39 19.29 -20.88
N GLU E 127 16.35 20.19 -20.59
CA GLU E 127 16.74 20.60 -19.23
C GLU E 127 15.59 21.36 -18.56
N TYR E 128 14.95 22.30 -19.28
CA TYR E 128 13.81 23.08 -18.78
C TYR E 128 12.66 22.14 -18.46
N LEU E 129 12.36 21.22 -19.40
CA LEU E 129 11.30 20.22 -19.27
C LEU E 129 11.49 19.34 -18.03
N VAL E 130 12.73 18.88 -17.78
CA VAL E 130 13.08 18.05 -16.62
C VAL E 130 13.02 18.86 -15.32
N SER E 131 13.66 20.04 -15.28
CA SER E 131 13.71 20.91 -14.11
C SER E 131 12.36 21.50 -13.71
N PHE E 132 11.51 21.85 -14.69
CA PHE E 132 10.16 22.38 -14.42
C PHE E 132 9.28 21.25 -13.86
N ALA E 133 9.39 20.02 -14.44
CA ALA E 133 8.66 18.84 -13.97
C ALA E 133 9.05 18.57 -12.53
N VAL E 134 10.38 18.60 -12.24
CA VAL E 134 10.99 18.43 -10.92
C VAL E 134 10.43 19.45 -9.92
N TRP E 135 10.23 20.70 -10.39
CA TRP E 135 9.67 21.77 -9.57
C TRP E 135 8.23 21.46 -9.13
N ILE E 136 7.35 21.06 -10.07
CA ILE E 136 5.94 20.74 -9.74
C ILE E 136 5.81 19.51 -8.83
N ARG E 137 6.65 18.47 -9.05
CA ARG E 137 6.65 17.23 -8.28
C ARG E 137 6.93 17.43 -6.79
N THR E 138 7.86 18.35 -6.46
CA THR E 138 8.31 18.67 -5.10
C THR E 138 7.15 19.04 -4.16
N PRO E 139 7.06 18.44 -2.94
CA PRO E 139 5.98 18.84 -2.01
C PRO E 139 6.16 20.31 -1.64
N PRO E 140 5.07 21.11 -1.73
CA PRO E 140 5.16 22.55 -1.43
C PRO E 140 5.84 22.95 -0.13
N ALA E 141 6.40 24.19 -0.09
CA ALA E 141 7.17 24.84 0.99
C ALA E 141 8.64 24.40 0.99
N TYR E 142 8.90 23.07 0.84
CA TYR E 142 10.24 22.50 0.69
C TYR E 142 10.68 22.83 -0.76
N ARG E 143 9.68 23.09 -1.62
CA ARG E 143 9.77 23.49 -3.01
C ARG E 143 9.93 25.03 -3.08
N PRO E 144 10.87 25.58 -3.89
CA PRO E 144 10.97 27.06 -3.98
C PRO E 144 9.77 27.67 -4.73
N PRO E 145 9.25 28.88 -4.33
CA PRO E 145 8.09 29.45 -5.05
C PRO E 145 8.41 29.96 -6.45
N ASN E 146 9.67 30.33 -6.70
CA ASN E 146 10.19 30.81 -7.98
C ASN E 146 10.30 29.64 -8.97
N ALA E 147 9.34 29.55 -9.91
CA ALA E 147 9.28 28.49 -10.92
C ALA E 147 10.38 28.63 -11.98
N PRO E 148 10.92 27.51 -12.55
CA PRO E 148 11.99 27.63 -13.55
C PRO E 148 11.54 28.30 -14.85
N ILE E 149 12.45 29.08 -15.45
CA ILE E 149 12.21 29.86 -16.68
C ILE E 149 13.09 29.41 -17.85
N LEU E 150 12.66 29.74 -19.08
CA LEU E 150 13.41 29.41 -20.28
C LEU E 150 13.94 30.69 -20.96
N SER E 151 15.19 31.07 -20.63
CA SER E 151 15.88 32.26 -21.17
C SER E 151 17.39 32.02 -21.26
N CYS F 4 -24.08 10.92 -33.54
CA CYS F 4 -23.93 9.47 -33.66
C CYS F 4 -23.43 8.82 -32.36
N LEU F 5 -23.75 7.51 -32.19
CA LEU F 5 -23.35 6.69 -31.05
C LEU F 5 -21.83 6.36 -31.08
N GLY F 6 -21.38 5.48 -31.99
CA GLY F 6 -19.98 5.07 -32.12
C GLY F 6 -19.06 6.21 -32.51
N TRP F 7 -17.84 6.27 -31.96
CA TRP F 7 -16.94 7.40 -32.25
C TRP F 7 -15.43 7.08 -32.28
N LEU F 8 -14.64 8.00 -32.88
CA LEU F 8 -13.17 7.95 -33.01
C LEU F 8 -12.45 8.43 -31.73
N TRP F 9 -13.23 8.91 -30.72
CA TRP F 9 -12.78 9.40 -29.41
C TRP F 9 -12.10 8.28 -28.60
N GLY F 10 -11.15 8.66 -27.75
CA GLY F 10 -10.43 7.75 -26.86
C GLY F 10 -11.34 7.13 -25.84
N MET F 11 -12.02 7.99 -25.06
CA MET F 11 -13.02 7.62 -24.05
C MET F 11 -14.32 8.38 -24.36
N ASP F 12 -15.12 7.80 -25.27
CA ASP F 12 -16.38 8.34 -25.78
C ASP F 12 -17.47 8.50 -24.72
N ILE F 13 -18.12 9.68 -24.68
CA ILE F 13 -19.18 10.01 -23.72
C ILE F 13 -20.50 9.24 -23.95
N ASP F 14 -20.92 8.47 -22.91
CA ASP F 14 -22.13 7.62 -22.86
C ASP F 14 -22.21 6.55 -24.00
N PRO F 15 -21.33 5.52 -24.02
CA PRO F 15 -21.41 4.53 -25.11
C PRO F 15 -22.48 3.45 -24.96
N TYR F 16 -22.75 2.99 -23.71
CA TYR F 16 -23.72 1.94 -23.38
C TYR F 16 -24.64 2.33 -22.21
N LYS F 17 -24.33 3.46 -21.52
CA LYS F 17 -25.02 4.03 -20.35
C LYS F 17 -26.55 3.96 -20.43
N GLU F 18 -27.13 4.36 -21.58
CA GLU F 18 -28.59 4.37 -21.81
C GLU F 18 -29.21 2.96 -21.76
N PHE F 19 -28.38 1.92 -21.92
CA PHE F 19 -28.84 0.53 -21.94
C PHE F 19 -28.36 -0.30 -20.74
N GLY F 20 -28.03 0.38 -19.65
CA GLY F 20 -27.59 -0.23 -18.39
C GLY F 20 -26.10 -0.29 -18.21
N ALA F 21 -25.44 -1.18 -18.96
CA ALA F 21 -23.99 -1.43 -18.95
C ALA F 21 -23.12 -0.24 -19.37
N THR F 22 -21.79 -0.40 -19.26
CA THR F 22 -20.76 0.56 -19.64
C THR F 22 -19.59 -0.21 -20.25
N VAL F 23 -18.70 0.49 -20.98
CA VAL F 23 -17.51 -0.12 -21.60
C VAL F 23 -16.55 -0.80 -20.57
N GLU F 24 -16.54 -0.30 -19.32
CA GLU F 24 -15.74 -0.80 -18.20
C GLU F 24 -16.21 -2.18 -17.71
N LEU F 25 -17.22 -2.74 -18.41
CA LEU F 25 -17.85 -4.03 -18.15
C LEU F 25 -17.72 -4.97 -19.34
N LEU F 26 -17.94 -4.45 -20.56
CA LEU F 26 -17.83 -5.21 -21.82
C LEU F 26 -16.37 -5.59 -22.15
N SER F 27 -15.41 -4.78 -21.63
CA SER F 27 -13.97 -4.96 -21.77
C SER F 27 -13.50 -6.32 -21.27
N PHE F 28 -14.18 -6.88 -20.24
CA PHE F 28 -13.90 -8.17 -19.63
C PHE F 28 -14.04 -9.33 -20.61
N LEU F 29 -14.97 -9.22 -21.58
CA LEU F 29 -15.18 -10.27 -22.57
C LEU F 29 -14.04 -10.34 -23.60
N PRO F 30 -13.55 -11.56 -23.95
CA PRO F 30 -12.45 -11.67 -24.93
C PRO F 30 -12.80 -11.21 -26.34
N SER F 31 -11.77 -10.82 -27.13
CA SER F 31 -11.92 -10.31 -28.50
C SER F 31 -12.38 -11.36 -29.51
N ASP F 32 -11.96 -12.63 -29.33
CA ASP F 32 -12.32 -13.73 -30.22
C ASP F 32 -13.78 -14.22 -30.04
N PHE F 33 -14.42 -13.82 -28.92
CA PHE F 33 -15.80 -14.15 -28.56
C PHE F 33 -16.79 -13.58 -29.60
N PHE F 34 -16.56 -12.33 -30.05
CA PHE F 34 -17.40 -11.64 -31.02
C PHE F 34 -17.17 -12.19 -32.44
N PRO F 35 -18.24 -12.44 -33.23
CA PRO F 35 -18.06 -12.99 -34.58
C PRO F 35 -17.62 -11.94 -35.63
N SER F 36 -17.65 -12.32 -36.94
CA SER F 36 -17.28 -11.46 -38.07
C SER F 36 -18.21 -10.25 -38.19
N VAL F 37 -17.61 -9.07 -38.41
CA VAL F 37 -18.29 -7.76 -38.53
C VAL F 37 -19.43 -7.77 -39.56
N ARG F 38 -19.21 -8.41 -40.72
CA ARG F 38 -20.22 -8.53 -41.79
C ARG F 38 -21.46 -9.29 -41.28
N ASP F 39 -21.26 -10.45 -40.60
CA ASP F 39 -22.36 -11.26 -40.03
C ASP F 39 -23.08 -10.52 -38.90
N LEU F 40 -22.34 -9.72 -38.10
CA LEU F 40 -22.88 -8.92 -37.01
C LEU F 40 -23.84 -7.85 -37.55
N LEU F 41 -23.45 -7.15 -38.63
CA LEU F 41 -24.24 -6.10 -39.27
C LEU F 41 -25.40 -6.66 -40.11
N ASP F 42 -25.20 -7.82 -40.76
CA ASP F 42 -26.21 -8.49 -41.59
C ASP F 42 -27.39 -8.97 -40.74
N THR F 43 -27.11 -9.60 -39.59
CA THR F 43 -28.14 -10.08 -38.66
C THR F 43 -28.73 -8.92 -37.84
N ALA F 44 -28.01 -7.77 -37.78
CA ALA F 44 -28.45 -6.55 -37.09
C ALA F 44 -29.56 -5.88 -37.90
N ALA F 45 -29.30 -5.62 -39.20
CA ALA F 45 -30.26 -5.02 -40.14
C ALA F 45 -31.45 -5.96 -40.41
N ALA F 46 -31.28 -7.28 -40.15
CA ALA F 46 -32.31 -8.31 -40.34
C ALA F 46 -33.49 -8.12 -39.40
N LEU F 47 -33.22 -7.85 -38.11
CA LEU F 47 -34.25 -7.63 -37.09
C LEU F 47 -34.74 -6.19 -37.03
N TYR F 48 -33.85 -5.23 -37.33
CA TYR F 48 -34.10 -3.78 -37.32
C TYR F 48 -35.29 -3.34 -38.20
N ARG F 49 -35.40 -3.90 -39.42
CA ARG F 49 -36.45 -3.57 -40.38
C ARG F 49 -37.84 -4.13 -40.05
N ASP F 50 -37.92 -5.44 -39.74
CA ASP F 50 -39.18 -6.15 -39.49
C ASP F 50 -39.80 -6.00 -38.08
N ALA F 51 -39.07 -5.37 -37.13
CA ALA F 51 -39.58 -5.19 -35.76
C ALA F 51 -40.23 -3.83 -35.49
N LEU F 52 -39.54 -2.70 -35.82
CA LEU F 52 -40.08 -1.34 -35.63
C LEU F 52 -41.40 -1.19 -36.38
N GLU F 53 -41.45 -1.81 -37.57
CA GLU F 53 -42.60 -1.94 -38.43
C GLU F 53 -42.64 -3.44 -38.81
N SER F 54 -43.61 -4.21 -38.26
CA SER F 54 -44.74 -3.74 -37.48
C SER F 54 -44.60 -3.80 -35.95
N PRO F 55 -45.06 -2.75 -35.23
CA PRO F 55 -45.02 -2.78 -33.75
C PRO F 55 -46.31 -3.40 -33.14
N GLU F 56 -46.51 -3.49 -31.80
CA GLU F 56 -45.65 -3.05 -30.69
C GLU F 56 -44.44 -3.95 -30.44
N HIS F 57 -43.29 -3.50 -30.97
CA HIS F 57 -41.97 -4.13 -30.87
C HIS F 57 -40.88 -3.05 -30.92
N ALA F 58 -41.29 -1.76 -30.92
CA ALA F 58 -40.41 -0.60 -30.97
C ALA F 58 -39.53 -0.51 -29.72
N SER F 59 -38.38 -1.19 -29.78
CA SER F 59 -37.40 -1.23 -28.69
C SER F 59 -36.23 -0.29 -28.99
N PRO F 60 -35.72 0.47 -27.98
CA PRO F 60 -34.58 1.37 -28.24
C PRO F 60 -33.27 0.68 -28.63
N HIS F 61 -33.22 -0.67 -28.57
CA HIS F 61 -32.05 -1.46 -28.95
C HIS F 61 -31.84 -1.44 -30.47
N HIS F 62 -32.83 -1.91 -31.25
CA HIS F 62 -32.73 -1.87 -32.73
C HIS F 62 -32.94 -0.46 -33.28
N THR F 63 -33.53 0.44 -32.46
CA THR F 63 -33.74 1.85 -32.80
C THR F 63 -32.37 2.55 -32.73
N ALA F 64 -31.54 2.21 -31.72
CA ALA F 64 -30.20 2.77 -31.58
C ALA F 64 -29.24 2.15 -32.60
N LEU F 65 -29.53 0.91 -33.07
CA LEU F 65 -28.75 0.18 -34.08
C LEU F 65 -28.66 0.95 -35.40
N ARG F 66 -29.69 1.75 -35.73
CA ARG F 66 -29.77 2.60 -36.92
C ARG F 66 -28.71 3.70 -36.83
N GLN F 67 -28.42 4.18 -35.59
CA GLN F 67 -27.41 5.21 -35.32
C GLN F 67 -26.02 4.58 -35.20
N ALA F 68 -25.95 3.24 -35.24
CA ALA F 68 -24.72 2.48 -35.15
C ALA F 68 -24.27 1.97 -36.53
N ILE F 69 -25.19 1.33 -37.30
CA ILE F 69 -24.91 0.80 -38.64
C ILE F 69 -24.60 1.94 -39.62
N LEU F 70 -25.38 3.05 -39.55
CA LEU F 70 -25.17 4.25 -40.38
C LEU F 70 -23.89 4.98 -40.01
N CYS F 71 -23.49 4.92 -38.71
CA CYS F 71 -22.23 5.53 -38.26
C CYS F 71 -21.04 4.68 -38.68
N TRP F 72 -21.27 3.37 -38.91
CA TRP F 72 -20.24 2.46 -39.41
C TRP F 72 -20.08 2.73 -40.92
N GLY F 73 -21.17 3.13 -41.57
CA GLY F 73 -21.21 3.53 -42.97
C GLY F 73 -20.55 4.89 -43.14
N ASP F 74 -20.68 5.76 -42.11
CA ASP F 74 -20.07 7.09 -42.03
C ASP F 74 -18.53 6.99 -41.83
N LEU F 75 -18.02 5.76 -41.58
CA LEU F 75 -16.60 5.45 -41.41
C LEU F 75 -16.05 4.80 -42.67
N MET F 76 -16.85 3.90 -43.31
CA MET F 76 -16.48 3.20 -44.55
C MET F 76 -16.31 4.15 -45.73
N THR F 77 -17.07 5.27 -45.71
CA THR F 77 -17.02 6.34 -46.72
C THR F 77 -15.85 7.28 -46.35
N LEU F 78 -15.58 7.46 -45.04
CA LEU F 78 -14.53 8.32 -44.50
C LEU F 78 -13.12 7.75 -44.67
N ALA F 79 -12.92 6.46 -44.37
CA ALA F 79 -11.63 5.76 -44.45
C ALA F 79 -10.98 5.75 -45.84
N THR F 80 -11.79 5.57 -46.90
CA THR F 80 -11.35 5.53 -48.30
C THR F 80 -10.85 6.92 -48.75
N TRP F 81 -11.51 7.99 -48.25
CA TRP F 81 -11.18 9.39 -48.56
C TRP F 81 -9.89 9.86 -47.85
N VAL F 82 -9.66 9.40 -46.60
CA VAL F 82 -8.48 9.76 -45.79
C VAL F 82 -7.19 9.13 -46.35
N GLY F 83 -7.26 7.87 -46.78
CA GLY F 83 -6.14 7.14 -47.35
C GLY F 83 -5.76 7.54 -48.76
N THR F 84 -6.13 8.77 -49.19
CA THR F 84 -5.86 9.35 -50.50
C THR F 84 -5.43 10.83 -50.41
N ASN F 85 -6.25 11.67 -49.74
CA ASN F 85 -6.07 13.12 -49.57
C ASN F 85 -4.77 13.59 -48.88
N LEU F 86 -4.03 12.69 -48.21
CA LEU F 86 -2.78 13.03 -47.51
C LEU F 86 -1.57 12.27 -48.11
N GLU F 87 -0.57 11.91 -47.26
CA GLU F 87 0.63 11.17 -47.65
C GLU F 87 0.36 9.66 -47.69
N ASP F 88 1.38 8.85 -48.08
CA ASP F 88 1.28 7.38 -48.14
C ASP F 88 1.79 6.65 -46.87
N PRO F 89 3.08 6.79 -46.43
CA PRO F 89 3.51 6.08 -45.21
C PRO F 89 3.00 6.76 -43.93
N ALA F 90 2.34 5.97 -43.05
CA ALA F 90 1.74 6.40 -41.77
C ALA F 90 0.73 7.57 -41.95
N SER F 91 -0.05 7.52 -43.05
CA SER F 91 -1.07 8.51 -43.43
C SER F 91 -2.18 7.88 -44.30
N ARG F 92 -1.82 6.91 -45.16
CA ARG F 92 -2.76 6.20 -46.04
C ARG F 92 -2.87 4.71 -45.68
N ASP F 93 -1.78 4.11 -45.16
CA ASP F 93 -1.72 2.71 -44.76
C ASP F 93 -2.17 2.47 -43.32
N LEU F 94 -2.03 3.50 -42.44
CA LEU F 94 -2.43 3.42 -41.04
C LEU F 94 -3.94 3.66 -40.81
N VAL F 95 -4.70 3.91 -41.91
CA VAL F 95 -6.15 4.14 -41.90
C VAL F 95 -6.90 2.84 -41.54
N VAL F 96 -6.49 1.71 -42.18
CA VAL F 96 -7.04 0.37 -41.94
C VAL F 96 -6.54 -0.11 -40.56
N SER F 97 -5.30 0.29 -40.19
CA SER F 97 -4.64 -0.02 -38.92
C SER F 97 -5.35 0.67 -37.73
N TYR F 98 -6.05 1.80 -37.99
CA TYR F 98 -6.79 2.55 -36.98
C TYR F 98 -8.12 1.86 -36.68
N VAL F 99 -8.89 1.52 -37.74
CA VAL F 99 -10.18 0.84 -37.64
C VAL F 99 -9.95 -0.59 -37.14
N ASN F 100 -9.25 -1.41 -37.94
CA ASN F 100 -8.93 -2.79 -37.57
C ASN F 100 -7.65 -2.81 -36.72
N THR F 101 -7.74 -3.25 -35.44
CA THR F 101 -8.95 -3.80 -34.83
C THR F 101 -9.52 -2.98 -33.65
N ASN F 102 -8.81 -1.91 -33.20
CA ASN F 102 -9.24 -1.07 -32.06
C ASN F 102 -10.63 -0.43 -32.21
N VAL F 103 -10.85 0.33 -33.30
CA VAL F 103 -12.14 0.98 -33.58
C VAL F 103 -13.14 -0.09 -34.05
N GLY F 104 -12.63 -1.12 -34.73
CA GLY F 104 -13.41 -2.26 -35.21
C GLY F 104 -14.00 -3.10 -34.10
N LEU F 105 -13.26 -3.25 -32.97
CA LEU F 105 -13.72 -4.01 -31.80
C LEU F 105 -14.86 -3.29 -31.09
N LYS F 106 -14.81 -1.94 -31.02
CA LYS F 106 -15.84 -1.12 -30.39
C LYS F 106 -17.25 -1.40 -30.96
N PHE F 107 -17.36 -1.49 -32.30
CA PHE F 107 -18.61 -1.79 -33.00
C PHE F 107 -18.96 -3.26 -32.87
N ARG F 108 -17.96 -4.15 -32.96
CA ARG F 108 -18.09 -5.62 -32.85
C ARG F 108 -18.79 -6.01 -31.54
N GLN F 109 -18.38 -5.38 -30.41
CA GLN F 109 -18.96 -5.62 -29.09
C GLN F 109 -20.29 -4.85 -28.90
N LEU F 110 -20.39 -3.63 -29.50
CA LEU F 110 -21.59 -2.80 -29.42
C LEU F 110 -22.76 -3.48 -30.16
N LEU F 111 -22.48 -4.08 -31.34
CA LEU F 111 -23.46 -4.82 -32.14
C LEU F 111 -23.94 -6.03 -31.34
N TRP F 112 -22.99 -6.85 -30.84
CA TRP F 112 -23.27 -8.04 -30.03
C TRP F 112 -24.16 -7.72 -28.84
N PHE F 113 -23.83 -6.63 -28.11
CA PHE F 113 -24.56 -6.17 -26.93
C PHE F 113 -26.03 -5.92 -27.23
N HIS F 114 -26.33 -5.18 -28.32
CA HIS F 114 -27.70 -4.86 -28.72
C HIS F 114 -28.44 -6.02 -29.39
N ILE F 115 -27.71 -6.94 -30.03
CA ILE F 115 -28.26 -8.13 -30.68
C ILE F 115 -28.73 -9.16 -29.65
N SER F 116 -27.87 -9.44 -28.65
CA SER F 116 -28.16 -10.38 -27.57
C SER F 116 -29.27 -9.86 -26.64
N ALA F 117 -29.43 -8.51 -26.57
CA ALA F 117 -30.44 -7.79 -25.78
C ALA F 117 -31.84 -8.13 -26.27
N LEU F 118 -31.98 -8.39 -27.57
CA LEU F 118 -33.25 -8.75 -28.18
C LEU F 118 -33.38 -10.29 -28.21
N THR F 119 -32.26 -10.99 -28.52
CA THR F 119 -32.16 -12.46 -28.57
C THR F 119 -32.49 -13.11 -27.22
N PHE F 120 -32.03 -12.49 -26.12
CA PHE F 120 -32.24 -13.01 -24.76
C PHE F 120 -33.03 -12.04 -23.90
N GLY F 121 -32.45 -10.87 -23.66
CA GLY F 121 -33.05 -9.81 -22.84
C GLY F 121 -31.98 -8.90 -22.27
N ARG F 122 -32.27 -7.58 -22.19
CA ARG F 122 -31.34 -6.57 -21.65
C ARG F 122 -30.76 -7.03 -20.31
N GLU F 123 -31.64 -7.52 -19.42
CA GLU F 123 -31.29 -8.03 -18.10
C GLU F 123 -30.44 -9.30 -18.19
N THR F 124 -30.73 -10.18 -19.16
CA THR F 124 -30.00 -11.44 -19.38
C THR F 124 -28.55 -11.16 -19.76
N VAL F 125 -28.33 -10.12 -20.60
CA VAL F 125 -27.02 -9.68 -21.07
C VAL F 125 -26.29 -9.03 -19.91
N LEU F 126 -26.93 -8.03 -19.28
CA LEU F 126 -26.39 -7.31 -18.13
C LEU F 126 -25.97 -8.30 -17.04
N GLU F 127 -26.78 -9.35 -16.81
CA GLU F 127 -26.51 -10.43 -15.86
C GLU F 127 -25.29 -11.25 -16.32
N TYR F 128 -25.23 -11.60 -17.62
CA TYR F 128 -24.11 -12.36 -18.20
C TYR F 128 -22.84 -11.53 -18.07
N LEU F 129 -22.90 -10.24 -18.43
CA LEU F 129 -21.80 -9.30 -18.36
C LEU F 129 -21.22 -9.20 -16.94
N VAL F 130 -22.11 -9.10 -15.92
CA VAL F 130 -21.73 -9.02 -14.50
C VAL F 130 -21.14 -10.35 -14.01
N SER F 131 -21.84 -11.47 -14.26
CA SER F 131 -21.43 -12.81 -13.83
C SER F 131 -20.15 -13.31 -14.50
N PHE F 132 -19.95 -13.00 -15.80
CA PHE F 132 -18.73 -13.38 -16.52
C PHE F 132 -17.55 -12.58 -15.99
N ALA F 133 -17.75 -11.26 -15.74
CA ALA F 133 -16.73 -10.37 -15.16
C ALA F 133 -16.32 -10.90 -13.80
N VAL F 134 -17.32 -11.27 -12.97
CA VAL F 134 -17.19 -11.87 -11.63
C VAL F 134 -16.36 -13.16 -11.71
N TRP F 135 -16.58 -13.96 -12.76
CA TRP F 135 -15.85 -15.21 -12.98
C TRP F 135 -14.35 -14.95 -13.21
N ILE F 136 -13.99 -14.00 -14.11
CA ILE F 136 -12.60 -13.69 -14.41
C ILE F 136 -11.86 -13.07 -13.21
N ARG F 137 -12.55 -12.19 -12.44
CA ARG F 137 -11.99 -11.51 -11.26
C ARG F 137 -11.53 -12.47 -10.16
N THR F 138 -12.30 -13.56 -9.94
CA THR F 138 -12.06 -14.57 -8.90
C THR F 138 -10.65 -15.18 -8.97
N PRO F 139 -9.88 -15.27 -7.84
CA PRO F 139 -8.57 -15.90 -7.91
C PRO F 139 -8.73 -17.37 -8.29
N PRO F 140 -7.95 -17.85 -9.29
CA PRO F 140 -8.07 -19.24 -9.76
C PRO F 140 -8.06 -20.32 -8.68
N ALA F 141 -8.69 -21.49 -9.01
CA ALA F 141 -8.91 -22.70 -8.19
C ALA F 141 -10.12 -22.54 -7.25
N TYR F 142 -10.23 -21.38 -6.57
CA TYR F 142 -11.38 -21.01 -5.73
C TYR F 142 -12.51 -20.64 -6.71
N ARG F 143 -12.12 -20.29 -7.95
CA ARG F 143 -12.94 -19.95 -9.11
C ARG F 143 -13.31 -21.26 -9.84
N PRO F 144 -14.60 -21.47 -10.24
CA PRO F 144 -14.92 -22.70 -11.00
C PRO F 144 -14.35 -22.68 -12.42
N PRO F 145 -13.88 -23.82 -12.99
CA PRO F 145 -13.30 -23.79 -14.36
C PRO F 145 -14.34 -23.57 -15.46
N ASN F 146 -15.60 -23.95 -15.20
CA ASN F 146 -16.73 -23.81 -16.11
C ASN F 146 -17.17 -22.33 -16.17
N ALA F 147 -16.80 -21.64 -17.26
CA ALA F 147 -17.10 -20.23 -17.49
C ALA F 147 -18.60 -19.99 -17.77
N PRO F 148 -19.18 -18.82 -17.36
CA PRO F 148 -20.61 -18.58 -17.62
C PRO F 148 -20.95 -18.45 -19.10
N ILE F 149 -22.15 -18.95 -19.48
CA ILE F 149 -22.65 -18.97 -20.85
C ILE F 149 -23.91 -18.13 -21.05
N LEU F 150 -24.20 -17.74 -22.30
CA LEU F 150 -25.38 -16.96 -22.64
C LEU F 150 -26.35 -17.79 -23.51
N SER F 151 -27.31 -18.47 -22.85
CA SER F 151 -28.34 -19.31 -23.49
C SER F 151 -29.64 -19.30 -22.69
#